data_2XA9
#
_entry.id   2XA9
#
_cell.length_a   80.844
_cell.length_b   63.139
_cell.length_c   91.517
_cell.angle_alpha   90.00
_cell.angle_beta   98.83
_cell.angle_gamma   90.00
#
_symmetry.space_group_name_H-M   'P 1 21 1'
#
loop_
_entity.id
_entity.type
_entity.pdbx_description
1 polymer 'TREHALOSE-SYNTHASE TRET'
2 non-polymer "URIDINE-5'-DIPHOSPHATE-GLUCOSE"
3 water water
#
_entity_poly.entity_id   1
_entity_poly.type   'polypeptide(L)'
_entity_poly.pdbx_seq_one_letter_code
;MKMYEVKEFSSGKRKLEDYKSIIGEEEVSKIQEKAEKLKGRSFVHVNSTSFGGGVAEILHSLVPLLRSIGIEARWFVIEG
PTEFFNVTKTFHNALQGNESLKLTEEMKELYLNVNRENSKFIDLSSFDYVLVHDPQPAALIEFYEKKSPWLWRCHIDLSS
PNREFWEFLRRFVEKYDRYIFHLPEYVQPELDRNKAVIMPPSIDPLSEKNVELKQTEILRILERFDVDPEKPIITQVSRF
DPWKGIFDVIEIYRKVKEKIPGVQLLLVGVMAHDDPEGWIYFEKTLRKIGEDYDVKVLTNLIGVHAREVNAFQRASDVIL
QMSIRAGFGLTVTEAMWKGKPVIGRAVGGIKFQIVDGETGFLVRDANEAVEVVLYLLKHPEVSKEMGAKAKERVRKNFII
TKHMERYLDILNSLGG
;
_entity_poly.pdbx_strand_id   A,B
#
loop_
_chem_comp.id
_chem_comp.type
_chem_comp.name
_chem_comp.formula
UPG non-polymer URIDINE-5'-DIPHOSPHATE-GLUCOSE 'C15 H24 N2 O17 P2'
#
# COMPACT_ATOMS: atom_id res chain seq x y z
N MET A 3 28.16 27.20 8.77
CA MET A 3 26.85 26.71 9.27
C MET A 3 25.76 26.91 8.21
N TYR A 4 25.07 25.84 7.86
CA TYR A 4 24.01 25.85 6.84
C TYR A 4 22.63 25.69 7.46
N GLU A 5 21.61 25.65 6.61
CA GLU A 5 20.22 25.48 7.06
C GLU A 5 19.46 24.60 6.08
N VAL A 6 18.74 23.61 6.61
CA VAL A 6 17.98 22.68 5.78
C VAL A 6 16.87 23.30 4.92
N LYS A 7 15.96 24.05 5.56
CA LYS A 7 14.86 24.71 4.86
C LYS A 7 13.88 23.75 4.19
N GLU A 8 14.38 22.79 3.42
CA GLU A 8 13.54 21.80 2.77
C GLU A 8 13.50 20.56 3.64
N PHE A 9 12.73 19.56 3.24
CA PHE A 9 12.63 18.32 4.02
C PHE A 9 12.30 17.14 3.12
N SER A 10 13.19 16.15 3.08
CA SER A 10 12.99 14.98 2.24
C SER A 10 11.61 14.33 2.49
N SER A 11 11.34 13.98 3.73
CA SER A 11 10.07 13.37 4.10
C SER A 11 8.94 14.16 3.46
N GLY A 12 9.20 15.44 3.23
CA GLY A 12 8.21 16.31 2.62
C GLY A 12 7.66 17.26 3.66
N LYS A 13 6.35 17.31 3.78
CA LYS A 13 5.70 18.20 4.74
C LYS A 13 5.08 17.39 5.88
N ARG A 14 5.92 16.65 6.59
CA ARG A 14 5.47 15.83 7.71
C ARG A 14 4.70 16.66 8.74
N LYS A 15 3.38 16.53 8.73
CA LYS A 15 2.54 17.25 9.68
C LYS A 15 1.78 16.24 10.54
N LEU A 16 1.56 16.61 11.80
CA LEU A 16 0.87 15.75 12.75
C LEU A 16 -0.27 15.00 12.10
N GLU A 17 -1.03 15.71 11.27
CA GLU A 17 -2.17 15.14 10.58
C GLU A 17 -1.82 13.86 9.82
N ASP A 18 -0.60 13.81 9.30
CA ASP A 18 -0.14 12.64 8.53
C ASP A 18 -0.07 11.37 9.38
N TYR A 19 -0.26 11.50 10.68
CA TYR A 19 -0.20 10.36 11.57
C TYR A 19 -1.54 10.14 12.28
N LYS A 20 -2.50 11.02 12.04
CA LYS A 20 -3.79 10.92 12.69
C LYS A 20 -4.34 9.49 12.74
N SER A 21 -4.31 8.82 11.60
CA SER A 21 -4.80 7.45 11.49
C SER A 21 -4.04 6.45 12.37
N ILE A 22 -2.76 6.74 12.61
CA ILE A 22 -1.89 5.89 13.39
C ILE A 22 -2.03 6.04 14.91
N ILE A 23 -2.16 7.26 15.40
CA ILE A 23 -2.24 7.49 16.84
C ILE A 23 -3.61 7.79 17.43
N GLY A 24 -4.60 8.08 16.60
CA GLY A 24 -5.91 8.39 17.13
C GLY A 24 -6.04 9.89 17.36
N GLU A 25 -7.27 10.36 17.47
CA GLU A 25 -7.52 11.79 17.66
C GLU A 25 -7.35 12.28 19.10
N GLU A 26 -7.42 11.38 20.07
CA GLU A 26 -7.25 11.82 21.46
C GLU A 26 -5.80 12.28 21.65
N GLU A 27 -4.89 11.52 21.07
CA GLU A 27 -3.46 11.82 21.17
C GLU A 27 -3.10 13.00 20.28
N VAL A 28 -3.65 13.06 19.07
CA VAL A 28 -3.34 14.17 18.19
C VAL A 28 -3.76 15.47 18.87
N SER A 29 -4.71 15.36 19.80
CA SER A 29 -5.19 16.52 20.55
C SER A 29 -4.22 16.77 21.71
N LYS A 30 -4.07 15.75 22.55
CA LYS A 30 -3.17 15.82 23.70
C LYS A 30 -1.85 16.45 23.27
N ILE A 31 -1.48 16.22 22.02
CA ILE A 31 -0.25 16.75 21.44
C ILE A 31 -0.43 18.22 21.13
N GLN A 32 -1.45 18.54 20.33
CA GLN A 32 -1.75 19.91 19.96
C GLN A 32 -1.89 20.81 21.19
N GLU A 33 -2.47 20.27 22.26
CA GLU A 33 -2.65 21.01 23.51
C GLU A 33 -1.31 21.37 24.14
N LYS A 34 -0.43 20.37 24.27
CA LYS A 34 0.89 20.57 24.87
C LYS A 34 1.81 21.49 24.06
N ALA A 35 1.47 21.71 22.80
CA ALA A 35 2.29 22.55 21.94
C ALA A 35 1.71 23.94 21.72
N GLU A 36 0.61 24.25 22.40
CA GLU A 36 -0.01 25.56 22.25
C GLU A 36 0.68 26.51 23.21
N LYS A 37 0.98 26.00 24.41
CA LYS A 37 1.63 26.77 25.45
C LYS A 37 3.05 27.16 25.03
N LEU A 38 3.47 26.68 23.86
CA LEU A 38 4.80 26.97 23.32
C LEU A 38 4.64 27.48 21.89
N LYS A 39 3.43 27.92 21.56
CA LYS A 39 3.12 28.42 20.23
C LYS A 39 3.91 29.69 19.87
N GLY A 40 4.52 29.66 18.69
CA GLY A 40 5.29 30.80 18.20
C GLY A 40 6.71 30.87 18.68
N ARG A 41 7.13 29.86 19.45
CA ARG A 41 8.48 29.81 20.00
C ARG A 41 9.56 29.46 18.97
N SER A 42 10.81 29.58 19.38
CA SER A 42 11.95 29.27 18.53
C SER A 42 12.60 28.01 19.11
N PHE A 43 12.56 26.93 18.36
CA PHE A 43 13.15 25.67 18.80
C PHE A 43 14.02 25.18 17.66
N VAL A 44 15.32 25.49 17.74
CA VAL A 44 16.26 25.12 16.69
C VAL A 44 17.15 23.91 17.03
N HIS A 45 17.57 23.20 15.99
CA HIS A 45 18.42 22.02 16.12
C HIS A 45 19.71 22.22 15.35
N VAL A 46 20.81 21.70 15.89
CA VAL A 46 22.11 21.82 15.22
C VAL A 46 22.85 20.47 15.23
N ASN A 47 23.39 20.07 14.07
CA ASN A 47 24.13 18.82 13.97
C ASN A 47 25.19 18.84 12.87
N SER A 48 25.70 17.67 12.50
CA SER A 48 26.77 17.58 11.50
C SER A 48 26.39 17.31 10.05
N THR A 49 25.17 16.87 9.79
CA THR A 49 24.79 16.59 8.42
C THR A 49 23.30 16.34 8.23
N SER A 50 22.84 16.44 6.99
CA SER A 50 21.44 16.23 6.68
C SER A 50 21.30 15.05 5.73
N PHE A 51 22.39 14.30 5.57
CA PHE A 51 22.39 13.14 4.67
C PHE A 51 22.64 11.82 5.40
N GLY A 52 23.92 11.43 5.50
CA GLY A 52 24.27 10.18 6.13
C GLY A 52 24.07 10.08 7.64
N GLY A 53 22.92 9.54 8.04
CA GLY A 53 22.64 9.40 9.46
C GLY A 53 21.17 9.19 9.81
N GLY A 54 20.91 8.34 10.79
CA GLY A 54 19.55 8.11 11.24
C GLY A 54 19.06 9.37 11.92
N VAL A 55 19.97 10.06 12.61
CA VAL A 55 19.64 11.30 13.28
C VAL A 55 19.12 12.32 12.26
N ALA A 56 19.79 12.40 11.12
CA ALA A 56 19.37 13.32 10.08
C ALA A 56 17.97 12.94 9.63
N GLU A 57 17.78 11.65 9.38
CA GLU A 57 16.50 11.13 8.94
C GLU A 57 15.39 11.47 9.93
N ILE A 58 15.75 11.52 11.20
CA ILE A 58 14.80 11.84 12.26
C ILE A 58 14.36 13.31 12.20
N LEU A 59 15.32 14.20 11.98
CA LEU A 59 15.04 15.63 11.92
C LEU A 59 14.18 15.99 10.71
N HIS A 60 14.45 15.35 9.57
CA HIS A 60 13.70 15.59 8.35
C HIS A 60 12.21 15.40 8.55
N SER A 61 11.83 14.71 9.61
CA SER A 61 10.43 14.47 9.92
C SER A 61 10.04 15.23 11.18
N LEU A 62 10.95 15.27 12.14
CA LEU A 62 10.69 15.94 13.40
C LEU A 62 10.53 17.46 13.30
N VAL A 63 11.34 18.10 12.47
CA VAL A 63 11.27 19.56 12.31
C VAL A 63 9.95 19.96 11.67
N PRO A 64 9.60 19.36 10.53
CA PRO A 64 8.33 19.70 9.88
C PRO A 64 7.19 19.54 10.88
N LEU A 65 7.23 18.42 11.60
CA LEU A 65 6.23 18.10 12.60
C LEU A 65 6.06 19.24 13.60
N LEU A 66 7.17 19.65 14.23
CA LEU A 66 7.14 20.74 15.20
C LEU A 66 6.56 21.99 14.54
N ARG A 67 6.93 22.17 13.27
CA ARG A 67 6.47 23.31 12.49
C ARG A 67 4.95 23.29 12.48
N SER A 68 4.40 22.24 11.87
CA SER A 68 2.95 22.07 11.75
C SER A 68 2.14 22.03 13.04
N ILE A 69 2.79 22.18 14.19
CA ILE A 69 2.03 22.18 15.44
C ILE A 69 2.15 23.49 16.22
N GLY A 70 2.52 24.57 15.53
CA GLY A 70 2.61 25.86 16.18
C GLY A 70 3.97 26.37 16.63
N ILE A 71 4.97 25.50 16.60
CA ILE A 71 6.32 25.85 17.01
C ILE A 71 7.18 26.21 15.81
N GLU A 72 7.89 27.32 15.89
CA GLU A 72 8.74 27.73 14.78
C GLU A 72 10.06 26.98 14.86
N ALA A 73 10.00 25.68 14.61
CA ALA A 73 11.18 24.84 14.64
C ALA A 73 12.05 25.14 13.43
N ARG A 74 13.36 25.09 13.63
CA ARG A 74 14.30 25.34 12.54
C ARG A 74 15.52 24.44 12.74
N TRP A 75 16.20 24.09 11.65
CA TRP A 75 17.34 23.18 11.74
C TRP A 75 18.60 23.68 11.04
N PHE A 76 19.68 23.88 11.81
CA PHE A 76 20.94 24.33 11.26
C PHE A 76 22.01 23.24 11.34
N VAL A 77 22.86 23.18 10.32
CA VAL A 77 23.92 22.18 10.25
C VAL A 77 25.31 22.83 10.31
N ILE A 78 26.32 22.05 10.68
CA ILE A 78 27.69 22.52 10.78
C ILE A 78 28.46 22.12 9.54
N GLU A 79 29.34 23.00 9.07
CA GLU A 79 30.16 22.76 7.87
C GLU A 79 31.59 22.51 8.31
N GLY A 80 32.38 21.86 7.47
CA GLY A 80 33.76 21.62 7.86
C GLY A 80 34.59 20.77 6.91
N PRO A 81 35.91 20.80 7.06
CA PRO A 81 36.84 20.03 6.22
C PRO A 81 36.99 18.60 6.76
N THR A 82 37.53 17.71 5.93
CA THR A 82 37.71 16.32 6.32
C THR A 82 38.41 16.18 7.67
N GLU A 83 39.52 16.90 7.81
CA GLU A 83 40.31 16.85 9.04
C GLU A 83 39.52 17.17 10.30
N PHE A 84 38.27 17.59 10.13
CA PHE A 84 37.41 17.92 11.26
C PHE A 84 36.55 16.73 11.62
N PHE A 85 36.01 16.09 10.60
CA PHE A 85 35.15 14.91 10.79
C PHE A 85 35.97 13.69 11.17
N ASN A 86 37.17 13.60 10.62
CA ASN A 86 38.06 12.48 10.94
C ASN A 86 38.33 12.56 12.44
N VAL A 87 38.56 13.78 12.91
CA VAL A 87 38.82 14.05 14.32
C VAL A 87 37.56 13.72 15.12
N THR A 88 36.42 14.22 14.66
CA THR A 88 35.15 13.95 15.35
C THR A 88 34.79 12.46 15.27
N LYS A 89 35.36 11.74 14.31
CA LYS A 89 35.11 10.31 14.19
C LYS A 89 35.88 9.66 15.34
N THR A 90 37.10 10.15 15.55
CA THR A 90 37.95 9.66 16.62
C THR A 90 37.24 9.95 17.94
N PHE A 91 36.69 11.17 18.05
CA PHE A 91 35.97 11.57 19.25
C PHE A 91 34.84 10.59 19.50
N HIS A 92 34.04 10.34 18.46
CA HIS A 92 32.92 9.42 18.54
C HIS A 92 33.35 8.05 19.06
N ASN A 93 34.35 7.45 18.44
CA ASN A 93 34.85 6.14 18.85
C ASN A 93 35.48 6.19 20.22
N ALA A 94 36.11 7.32 20.54
CA ALA A 94 36.76 7.47 21.83
C ALA A 94 35.75 7.54 22.95
N LEU A 95 34.62 8.20 22.68
CA LEU A 95 33.56 8.35 23.68
C LEU A 95 32.87 7.00 23.94
N GLN A 96 32.91 6.13 22.94
CA GLN A 96 32.31 4.82 23.04
C GLN A 96 33.39 3.76 23.25
N GLY A 97 34.13 3.90 24.34
CA GLY A 97 35.20 2.94 24.62
C GLY A 97 36.43 3.25 23.80
N ASN A 98 37.15 2.21 23.41
CA ASN A 98 38.36 2.38 22.62
C ASN A 98 39.23 3.39 23.35
N GLU A 99 39.67 3.03 24.55
CA GLU A 99 40.50 3.94 25.33
C GLU A 99 41.95 3.83 24.87
N SER A 100 42.12 3.70 23.56
CA SER A 100 43.46 3.58 22.98
C SER A 100 43.76 4.75 22.03
N LEU A 101 42.86 5.73 22.00
CA LEU A 101 43.00 6.90 21.15
C LEU A 101 43.52 8.07 21.97
N LYS A 102 44.39 8.89 21.36
CA LYS A 102 44.98 10.05 22.03
C LYS A 102 44.37 11.37 21.53
N LEU A 103 43.97 12.23 22.46
CA LEU A 103 43.40 13.53 22.09
C LEU A 103 44.52 14.57 22.19
N THR A 104 44.96 15.06 21.04
CA THR A 104 46.04 16.05 20.99
C THR A 104 45.53 17.47 20.83
N GLU A 105 46.42 18.44 21.00
CA GLU A 105 46.07 19.85 20.88
C GLU A 105 45.68 20.21 19.46
N GLU A 106 46.35 19.60 18.49
CA GLU A 106 46.03 19.84 17.08
C GLU A 106 44.55 19.58 16.90
N MET A 107 44.04 18.57 17.59
CA MET A 107 42.64 18.19 17.52
C MET A 107 41.74 19.23 18.19
N LYS A 108 42.06 19.58 19.43
CA LYS A 108 41.28 20.57 20.18
C LYS A 108 41.18 21.89 19.42
N GLU A 109 42.29 22.33 18.84
CA GLU A 109 42.31 23.59 18.09
C GLU A 109 41.33 23.51 16.94
N LEU A 110 41.46 22.46 16.13
CA LEU A 110 40.59 22.27 14.98
C LEU A 110 39.12 22.18 15.37
N TYR A 111 38.81 21.31 16.33
CA TYR A 111 37.43 21.16 16.78
C TYR A 111 36.84 22.47 17.25
N LEU A 112 37.56 23.18 18.12
CA LEU A 112 37.06 24.46 18.64
C LEU A 112 36.97 25.54 17.56
N ASN A 113 38.00 25.64 16.71
CA ASN A 113 37.99 26.64 15.65
C ASN A 113 36.75 26.44 14.77
N VAL A 114 36.63 25.25 14.19
CA VAL A 114 35.49 24.94 13.33
C VAL A 114 34.19 25.32 14.04
N ASN A 115 34.18 25.19 15.36
CA ASN A 115 33.00 25.54 16.15
C ASN A 115 32.85 27.05 16.24
N ARG A 116 33.95 27.77 16.05
CA ARG A 116 33.96 29.22 16.11
C ARG A 116 33.36 29.82 14.84
N GLU A 117 33.97 29.51 13.71
CA GLU A 117 33.52 30.03 12.42
C GLU A 117 32.06 29.69 12.11
N ASN A 118 31.62 28.50 12.49
CA ASN A 118 30.24 28.10 12.24
C ASN A 118 29.25 28.85 13.12
N SER A 119 29.73 29.44 14.21
CA SER A 119 28.85 30.17 15.13
C SER A 119 28.76 31.65 14.79
N LYS A 120 29.32 32.05 13.65
CA LYS A 120 29.28 33.46 13.26
C LYS A 120 28.34 33.67 12.08
N PHE A 121 27.70 32.58 11.64
CA PHE A 121 26.77 32.65 10.53
C PHE A 121 25.34 32.85 11.01
N ILE A 122 24.99 32.24 12.13
CA ILE A 122 23.65 32.38 12.69
C ILE A 122 23.74 32.59 14.19
N ASP A 123 22.93 33.49 14.73
CA ASP A 123 22.96 33.75 16.16
C ASP A 123 22.00 32.86 16.94
N LEU A 124 22.45 31.65 17.21
CA LEU A 124 21.67 30.65 17.94
C LEU A 124 21.12 31.18 19.27
N SER A 125 21.92 31.99 19.97
CA SER A 125 21.51 32.55 21.25
C SER A 125 20.24 33.39 21.20
N SER A 126 19.78 33.70 20.00
CA SER A 126 18.58 34.53 19.85
C SER A 126 17.28 33.75 19.83
N PHE A 127 17.36 32.41 19.85
CA PHE A 127 16.15 31.59 19.83
C PHE A 127 15.68 31.19 21.23
N ASP A 128 14.37 30.99 21.38
CA ASP A 128 13.79 30.61 22.67
C ASP A 128 14.37 29.31 23.25
N TYR A 129 14.72 28.38 22.37
CA TYR A 129 15.28 27.10 22.79
C TYR A 129 16.28 26.58 21.76
N VAL A 130 17.44 26.14 22.24
CA VAL A 130 18.46 25.60 21.36
C VAL A 130 18.82 24.17 21.75
N LEU A 131 18.92 23.31 20.75
CA LEU A 131 19.25 21.91 20.97
C LEU A 131 20.40 21.53 20.04
N VAL A 132 21.44 20.96 20.63
CA VAL A 132 22.60 20.55 19.86
C VAL A 132 22.73 19.03 19.86
N HIS A 133 22.98 18.47 18.67
CA HIS A 133 23.10 17.02 18.51
C HIS A 133 24.51 16.45 18.42
N ASP A 134 24.83 15.53 19.33
CA ASP A 134 26.13 14.87 19.37
C ASP A 134 27.33 15.82 19.53
N PRO A 135 28.54 15.26 19.67
CA PRO A 135 29.78 16.04 19.84
C PRO A 135 30.26 17.16 18.91
N GLN A 136 30.16 16.94 17.60
CA GLN A 136 30.64 17.89 16.60
C GLN A 136 30.34 19.37 16.86
N PRO A 137 29.12 19.68 17.34
CA PRO A 137 28.82 21.09 17.59
C PRO A 137 28.67 21.46 19.08
N ALA A 138 28.92 20.49 19.95
CA ALA A 138 28.80 20.68 21.39
C ALA A 138 29.49 21.94 21.93
N ALA A 139 30.54 22.38 21.24
CA ALA A 139 31.29 23.56 21.67
C ALA A 139 30.68 24.92 21.31
N LEU A 140 29.65 24.92 20.48
CA LEU A 140 29.00 26.17 20.08
C LEU A 140 28.50 26.97 21.27
N ILE A 141 28.11 26.29 22.34
CA ILE A 141 27.58 26.96 23.53
C ILE A 141 28.47 28.01 24.17
N GLU A 142 29.77 28.00 23.88
CA GLU A 142 30.61 29.03 24.49
C GLU A 142 31.09 30.05 23.46
N PHE A 143 30.19 30.42 22.56
CA PHE A 143 30.45 31.41 21.53
C PHE A 143 29.25 32.33 21.42
N TYR A 144 28.44 32.34 22.47
CA TYR A 144 27.24 33.17 22.54
C TYR A 144 26.93 33.40 24.01
N GLU A 145 26.17 34.45 24.28
CA GLU A 145 25.77 34.72 25.66
C GLU A 145 24.35 34.17 25.79
N LYS A 146 24.22 33.02 26.43
CA LYS A 146 22.93 32.38 26.61
C LYS A 146 21.86 33.35 27.09
N LYS A 147 20.69 33.28 26.46
CA LYS A 147 19.56 34.13 26.82
C LYS A 147 18.36 33.21 26.87
N SER A 148 18.62 31.94 26.60
CA SER A 148 17.59 30.90 26.59
C SER A 148 18.20 29.54 26.87
N PRO A 149 17.36 28.55 27.21
CA PRO A 149 17.87 27.20 27.50
C PRO A 149 18.55 26.54 26.29
N TRP A 150 19.60 25.76 26.58
CA TRP A 150 20.35 25.03 25.58
C TRP A 150 20.31 23.56 26.00
N LEU A 151 19.92 22.68 25.08
CA LEU A 151 19.85 21.26 25.39
C LEU A 151 20.89 20.46 24.62
N TRP A 152 21.46 19.46 25.29
CA TRP A 152 22.46 18.59 24.71
C TRP A 152 21.88 17.21 24.47
N ARG A 153 21.69 16.88 23.20
CA ARG A 153 21.14 15.59 22.80
C ARG A 153 22.28 14.66 22.44
N CYS A 154 22.43 13.59 23.21
CA CYS A 154 23.49 12.62 22.98
C CYS A 154 22.95 11.39 22.26
N HIS A 155 23.56 11.03 21.14
CA HIS A 155 23.12 9.86 20.38
C HIS A 155 24.11 8.72 20.46
N ILE A 156 24.89 8.67 21.53
CA ILE A 156 25.89 7.61 21.67
C ILE A 156 26.10 7.25 23.12
N ASP A 157 26.89 6.21 23.37
CA ASP A 157 27.14 5.78 24.75
C ASP A 157 28.23 6.57 25.46
N LEU A 158 27.96 6.89 26.73
CA LEU A 158 28.90 7.63 27.56
C LEU A 158 29.03 6.98 28.94
N SER A 159 29.00 5.65 28.97
CA SER A 159 29.11 4.90 30.23
C SER A 159 30.57 4.60 30.55
N SER A 160 31.34 4.28 29.51
CA SER A 160 32.76 3.98 29.65
C SER A 160 33.55 4.78 28.62
N PRO A 161 33.44 6.12 28.68
CA PRO A 161 34.14 7.01 27.75
C PRO A 161 35.63 7.20 28.03
N ASN A 162 36.42 7.23 26.97
CA ASN A 162 37.86 7.50 27.08
C ASN A 162 37.94 8.76 27.91
N ARG A 163 38.70 8.70 29.00
CA ARG A 163 38.72 9.79 29.97
C ARG A 163 39.11 11.07 29.23
N GLU A 164 40.35 11.11 28.74
CA GLU A 164 40.87 12.27 28.02
C GLU A 164 39.78 13.02 27.23
N PHE A 165 39.12 12.30 26.33
CA PHE A 165 38.08 12.89 25.50
C PHE A 165 36.84 13.40 26.23
N TRP A 166 36.40 12.69 27.25
CA TRP A 166 35.23 13.13 27.99
C TRP A 166 35.50 14.42 28.77
N GLU A 167 36.62 14.47 29.48
CA GLU A 167 37.00 15.63 30.26
C GLU A 167 37.05 16.89 29.41
N PHE A 168 37.24 16.70 28.11
CA PHE A 168 37.30 17.82 27.17
C PHE A 168 35.87 18.21 26.80
N LEU A 169 35.13 17.26 26.24
CA LEU A 169 33.75 17.52 25.83
C LEU A 169 32.91 18.02 27.00
N ARG A 170 33.25 17.57 28.21
CA ARG A 170 32.49 17.94 29.41
C ARG A 170 32.48 19.43 29.69
N ARG A 171 33.52 20.14 29.26
CA ARG A 171 33.59 21.58 29.48
C ARG A 171 32.46 22.29 28.75
N PHE A 172 31.94 21.64 27.71
CA PHE A 172 30.87 22.21 26.92
C PHE A 172 29.51 21.66 27.34
N VAL A 173 29.44 20.34 27.53
CA VAL A 173 28.19 19.70 27.95
C VAL A 173 27.59 20.26 29.23
N GLU A 174 28.41 20.42 30.25
CA GLU A 174 27.94 20.93 31.54
C GLU A 174 27.28 22.31 31.43
N LYS A 175 27.59 23.03 30.36
CA LYS A 175 27.02 24.36 30.16
C LYS A 175 25.53 24.32 29.80
N TYR A 176 25.10 23.28 29.10
CA TYR A 176 23.70 23.17 28.70
C TYR A 176 22.76 22.99 29.89
N ASP A 177 21.52 23.45 29.72
CA ASP A 177 20.51 23.36 30.76
C ASP A 177 20.02 21.94 30.98
N ARG A 178 20.12 21.11 29.95
CA ARG A 178 19.68 19.72 30.05
C ARG A 178 20.49 18.83 29.12
N TYR A 179 20.70 17.59 29.53
CA TYR A 179 21.42 16.63 28.70
C TYR A 179 20.45 15.51 28.43
N ILE A 180 20.33 15.09 27.16
CA ILE A 180 19.39 14.04 26.78
C ILE A 180 20.08 12.75 26.32
N PHE A 181 19.82 11.64 27.02
CA PHE A 181 20.41 10.35 26.68
C PHE A 181 19.37 9.30 26.30
N HIS A 182 19.78 8.31 25.52
CA HIS A 182 18.86 7.25 25.10
C HIS A 182 18.49 6.40 26.31
N LEU A 183 19.49 5.97 27.06
CA LEU A 183 19.24 5.13 28.23
C LEU A 183 19.95 5.57 29.50
N PRO A 184 19.39 5.23 30.68
CA PRO A 184 19.97 5.58 31.97
C PRO A 184 21.22 4.75 32.30
N GLU A 185 22.18 4.79 31.39
CA GLU A 185 23.44 4.06 31.56
C GLU A 185 24.46 4.90 30.80
N TYR A 186 23.94 5.85 30.04
CA TYR A 186 24.73 6.75 29.23
C TYR A 186 24.97 8.09 29.96
N VAL A 187 24.28 8.29 31.08
CA VAL A 187 24.40 9.52 31.84
C VAL A 187 25.60 9.57 32.78
N GLN A 188 26.73 10.06 32.28
CA GLN A 188 27.95 10.17 33.08
C GLN A 188 27.75 10.90 34.40
N PRO A 189 28.27 10.34 35.49
CA PRO A 189 28.15 10.94 36.83
C PRO A 189 28.66 12.39 36.93
N GLU A 190 29.69 12.74 36.16
CA GLU A 190 30.23 14.10 36.20
C GLU A 190 29.15 15.14 35.90
N LEU A 191 27.96 14.66 35.53
CA LEU A 191 26.84 15.53 35.20
C LEU A 191 25.78 15.49 36.30
N ASP A 192 25.06 16.60 36.47
CA ASP A 192 24.01 16.71 37.49
C ASP A 192 22.75 15.94 37.09
N ARG A 193 22.54 14.78 37.70
CA ARG A 193 21.39 13.94 37.38
C ARG A 193 20.02 14.59 37.58
N ASN A 194 19.98 15.89 37.88
CA ASN A 194 18.71 16.58 38.05
C ASN A 194 18.43 17.28 36.73
N LYS A 195 19.51 17.66 36.04
CA LYS A 195 19.40 18.33 34.75
C LYS A 195 19.71 17.34 33.62
N ALA A 196 19.52 16.06 33.92
CA ALA A 196 19.74 15.00 32.94
C ALA A 196 18.36 14.49 32.51
N VAL A 197 18.26 13.97 31.29
CA VAL A 197 16.99 13.47 30.79
C VAL A 197 17.07 12.20 29.94
N ILE A 198 16.24 11.22 30.28
CA ILE A 198 16.19 9.96 29.54
C ILE A 198 15.13 10.08 28.44
N MET A 199 15.58 10.02 27.20
CA MET A 199 14.67 10.13 26.07
C MET A 199 15.08 9.14 24.99
N PRO A 200 14.45 7.96 24.99
CA PRO A 200 14.75 6.89 24.04
C PRO A 200 14.57 7.31 22.59
N PRO A 201 15.35 6.70 21.68
CA PRO A 201 15.16 7.11 20.29
C PRO A 201 13.79 6.61 19.84
N SER A 202 13.36 7.00 18.65
CA SER A 202 12.06 6.55 18.17
C SER A 202 12.12 6.21 16.71
N ILE A 203 11.11 5.48 16.22
CA ILE A 203 11.05 5.15 14.80
C ILE A 203 9.94 5.98 14.19
N ASP A 204 10.06 6.25 12.89
CA ASP A 204 9.05 7.01 12.20
C ASP A 204 8.21 6.10 11.30
N PRO A 205 6.93 5.89 11.67
CA PRO A 205 5.98 5.04 10.94
C PRO A 205 5.91 5.26 9.42
N LEU A 206 6.22 6.47 8.97
CA LEU A 206 6.11 6.78 7.55
C LEU A 206 7.40 6.79 6.74
N SER A 207 8.49 6.28 7.31
CA SER A 207 9.75 6.26 6.60
C SER A 207 9.96 4.95 5.86
N GLU A 208 10.89 4.97 4.90
CA GLU A 208 11.23 3.82 4.10
C GLU A 208 11.32 2.54 4.91
N LYS A 209 12.00 2.63 6.04
CA LYS A 209 12.22 1.50 6.93
C LYS A 209 10.94 0.93 7.57
N ASN A 210 10.07 1.83 8.00
CA ASN A 210 8.86 1.44 8.70
C ASN A 210 7.54 1.53 7.93
N VAL A 211 7.51 2.29 6.85
CA VAL A 211 6.28 2.43 6.09
C VAL A 211 5.80 1.06 5.67
N GLU A 212 4.49 0.88 5.60
CA GLU A 212 3.92 -0.40 5.22
C GLU A 212 3.88 -0.60 3.72
N LEU A 213 4.65 -1.60 3.27
CA LEU A 213 4.74 -1.93 1.87
C LEU A 213 3.56 -2.78 1.42
N LYS A 214 3.39 -2.89 0.10
CA LYS A 214 2.31 -3.69 -0.44
C LYS A 214 2.84 -5.08 -0.78
N GLN A 215 2.03 -6.10 -0.53
CA GLN A 215 2.40 -7.49 -0.77
C GLN A 215 3.22 -7.73 -2.05
N THR A 216 2.78 -7.18 -3.17
CA THR A 216 3.49 -7.37 -4.42
C THR A 216 4.93 -6.91 -4.35
N GLU A 217 5.18 -5.79 -3.69
CA GLU A 217 6.56 -5.31 -3.59
C GLU A 217 7.38 -6.21 -2.67
N ILE A 218 6.80 -6.59 -1.53
CA ILE A 218 7.50 -7.47 -0.60
C ILE A 218 7.93 -8.72 -1.36
N LEU A 219 7.02 -9.28 -2.15
CA LEU A 219 7.34 -10.47 -2.92
C LEU A 219 8.40 -10.23 -3.99
N ARG A 220 8.50 -9.00 -4.50
CA ARG A 220 9.53 -8.68 -5.51
C ARG A 220 10.90 -8.64 -4.85
N ILE A 221 10.95 -8.13 -3.63
CA ILE A 221 12.21 -8.07 -2.91
C ILE A 221 12.56 -9.45 -2.42
N LEU A 222 11.56 -10.24 -2.06
CA LEU A 222 11.84 -11.59 -1.56
C LEU A 222 12.44 -12.47 -2.64
N GLU A 223 11.85 -12.44 -3.83
CA GLU A 223 12.32 -13.26 -4.94
C GLU A 223 13.69 -12.80 -5.42
N ARG A 224 13.91 -11.50 -5.35
CA ARG A 224 15.18 -10.93 -5.77
C ARG A 224 16.33 -11.50 -4.93
N PHE A 225 16.09 -11.76 -3.65
CA PHE A 225 17.17 -12.28 -2.83
C PHE A 225 16.99 -13.74 -2.47
N ASP A 226 16.34 -14.46 -3.37
CA ASP A 226 16.08 -15.88 -3.23
C ASP A 226 15.55 -16.26 -1.87
N VAL A 227 14.48 -15.58 -1.44
CA VAL A 227 13.87 -15.87 -0.15
C VAL A 227 12.48 -16.43 -0.39
N ASP A 228 12.27 -17.66 0.04
CA ASP A 228 11.00 -18.36 -0.12
C ASP A 228 10.00 -17.94 0.97
N PRO A 229 8.92 -17.22 0.58
CA PRO A 229 7.92 -16.77 1.55
C PRO A 229 6.97 -17.90 1.97
N GLU A 230 7.01 -18.99 1.22
CA GLU A 230 6.15 -20.14 1.51
C GLU A 230 6.76 -21.07 2.55
N LYS A 231 7.94 -20.72 3.05
CA LYS A 231 8.58 -21.53 4.08
C LYS A 231 8.82 -20.63 5.27
N PRO A 232 9.05 -21.22 6.46
CA PRO A 232 9.28 -20.39 7.64
C PRO A 232 10.58 -19.57 7.59
N ILE A 233 10.55 -18.41 8.25
CA ILE A 233 11.68 -17.50 8.28
C ILE A 233 11.97 -16.89 9.65
N ILE A 234 13.24 -16.90 10.02
CA ILE A 234 13.67 -16.28 11.28
C ILE A 234 14.70 -15.26 10.83
N THR A 235 14.70 -14.10 11.48
CA THR A 235 15.58 -13.00 11.09
C THR A 235 16.23 -12.23 12.22
N GLN A 236 17.48 -11.83 11.99
CA GLN A 236 18.18 -10.96 12.92
C GLN A 236 18.78 -9.84 12.09
N VAL A 237 18.34 -8.62 12.36
CA VAL A 237 18.84 -7.44 11.67
C VAL A 237 19.87 -6.77 12.57
N SER A 238 21.10 -6.61 12.10
CA SER A 238 22.10 -5.96 12.93
C SER A 238 23.41 -5.73 12.21
N ARG A 239 24.26 -4.89 12.83
CA ARG A 239 25.58 -4.58 12.30
C ARG A 239 26.38 -5.87 12.47
N PHE A 240 27.32 -6.11 11.56
CA PHE A 240 28.14 -7.31 11.66
C PHE A 240 29.36 -7.09 12.53
N ASP A 241 29.22 -7.40 13.81
CA ASP A 241 30.34 -7.28 14.72
C ASP A 241 30.29 -8.44 15.70
N PRO A 242 31.43 -8.75 16.35
CA PRO A 242 31.62 -9.83 17.32
C PRO A 242 30.65 -9.98 18.48
N TRP A 243 29.94 -8.92 18.83
CA TRP A 243 29.06 -8.98 19.99
C TRP A 243 27.57 -8.76 19.75
N LYS A 244 27.05 -9.27 18.65
CA LYS A 244 25.65 -9.10 18.35
C LYS A 244 24.96 -10.44 18.29
N GLY A 245 25.61 -11.48 18.82
CA GLY A 245 25.03 -12.81 18.81
C GLY A 245 24.86 -13.45 17.43
N ILE A 246 25.46 -12.87 16.41
CA ILE A 246 25.35 -13.39 15.05
C ILE A 246 25.71 -14.87 14.93
N PHE A 247 26.64 -15.33 15.75
CA PHE A 247 27.01 -16.74 15.68
C PHE A 247 26.04 -17.57 16.49
N ASP A 248 25.48 -16.98 17.55
CA ASP A 248 24.52 -17.70 18.37
C ASP A 248 23.28 -17.94 17.50
N VAL A 249 22.84 -16.88 16.80
CA VAL A 249 21.69 -16.97 15.91
C VAL A 249 21.90 -18.11 14.91
N ILE A 250 23.11 -18.24 14.38
CA ILE A 250 23.39 -19.30 13.44
C ILE A 250 23.21 -20.68 14.12
N GLU A 251 23.43 -20.76 15.43
CA GLU A 251 23.25 -22.05 16.10
C GLU A 251 21.77 -22.29 16.36
N ILE A 252 21.04 -21.23 16.65
CA ILE A 252 19.61 -21.35 16.92
C ILE A 252 18.92 -21.83 15.65
N TYR A 253 19.35 -21.30 14.51
CA TYR A 253 18.79 -21.68 13.21
C TYR A 253 19.10 -23.13 12.90
N ARG A 254 20.26 -23.61 13.35
CA ARG A 254 20.64 -24.99 13.09
C ARG A 254 19.93 -26.02 13.95
N LYS A 255 19.73 -25.70 15.23
CA LYS A 255 19.04 -26.62 16.12
C LYS A 255 17.56 -26.61 15.78
N VAL A 256 17.04 -25.45 15.42
CA VAL A 256 15.64 -25.30 15.03
C VAL A 256 15.41 -26.14 13.79
N LYS A 257 16.34 -25.99 12.84
CA LYS A 257 16.32 -26.68 11.55
C LYS A 257 16.29 -28.20 11.60
N GLU A 258 16.57 -28.79 12.75
CA GLU A 258 16.54 -30.24 12.85
C GLU A 258 15.09 -30.72 12.84
N LYS A 259 14.23 -29.96 13.50
CA LYS A 259 12.81 -30.31 13.57
C LYS A 259 12.00 -29.63 12.47
N ILE A 260 12.52 -28.53 11.94
CA ILE A 260 11.85 -27.77 10.88
C ILE A 260 12.83 -27.57 9.72
N PRO A 261 13.15 -28.67 9.00
CA PRO A 261 14.09 -28.68 7.87
C PRO A 261 13.89 -27.64 6.76
N GLY A 262 12.80 -26.89 6.83
CA GLY A 262 12.58 -25.89 5.79
C GLY A 262 12.87 -24.49 6.29
N VAL A 263 13.19 -24.34 7.57
CA VAL A 263 13.45 -23.02 8.12
C VAL A 263 14.55 -22.29 7.39
N GLN A 264 14.43 -20.96 7.29
CA GLN A 264 15.42 -20.11 6.63
C GLN A 264 15.88 -19.06 7.64
N LEU A 265 17.12 -18.64 7.50
CA LEU A 265 17.67 -17.61 8.38
C LEU A 265 18.09 -16.40 7.56
N LEU A 266 17.71 -15.20 8.02
CA LEU A 266 18.09 -13.98 7.33
C LEU A 266 18.94 -13.13 8.24
N LEU A 267 20.22 -12.98 7.89
CA LEU A 267 21.14 -12.15 8.65
C LEU A 267 21.17 -10.89 7.82
N VAL A 268 20.52 -9.85 8.31
CA VAL A 268 20.42 -8.60 7.58
C VAL A 268 21.26 -7.50 8.18
N GLY A 269 21.97 -6.76 7.34
CA GLY A 269 22.79 -5.69 7.88
C GLY A 269 23.32 -4.64 6.92
N VAL A 270 23.07 -3.38 7.24
CA VAL A 270 23.55 -2.27 6.43
C VAL A 270 24.72 -1.63 7.14
N MET A 271 25.87 -1.58 6.48
CA MET A 271 27.06 -1.00 7.10
C MET A 271 27.80 -0.06 6.15
N ALA A 272 28.46 0.94 6.70
CA ALA A 272 29.23 1.88 5.88
C ALA A 272 30.47 1.18 5.34
N HIS A 273 30.93 1.61 4.17
CA HIS A 273 32.11 0.99 3.55
C HIS A 273 33.42 1.32 4.24
N ASP A 274 33.37 2.25 5.19
CA ASP A 274 34.57 2.63 5.92
C ASP A 274 34.49 2.03 7.32
N ASP A 275 33.87 0.85 7.39
CA ASP A 275 33.71 0.12 8.65
C ASP A 275 34.37 -1.24 8.46
N PRO A 276 35.69 -1.26 8.19
CA PRO A 276 36.48 -2.48 7.98
C PRO A 276 36.17 -3.57 8.98
N GLU A 277 36.03 -3.19 10.25
CA GLU A 277 35.69 -4.13 11.32
C GLU A 277 34.49 -4.95 10.91
N GLY A 278 33.41 -4.27 10.57
CA GLY A 278 32.18 -4.93 10.18
C GLY A 278 32.21 -5.80 8.94
N TRP A 279 33.04 -5.46 7.96
CA TRP A 279 33.10 -6.27 6.75
C TRP A 279 33.91 -7.52 6.99
N ILE A 280 34.85 -7.43 7.93
CA ILE A 280 35.66 -8.58 8.26
C ILE A 280 34.75 -9.58 8.96
N TYR A 281 34.00 -9.12 9.95
CA TYR A 281 33.12 -10.04 10.67
C TYR A 281 32.08 -10.62 9.71
N PHE A 282 31.69 -9.81 8.72
CA PHE A 282 30.74 -10.23 7.69
C PHE A 282 31.34 -11.45 6.98
N GLU A 283 32.53 -11.26 6.41
CA GLU A 283 33.23 -12.32 5.70
C GLU A 283 33.32 -13.59 6.56
N LYS A 284 33.63 -13.40 7.84
CA LYS A 284 33.74 -14.52 8.77
C LYS A 284 32.45 -15.29 8.90
N THR A 285 31.32 -14.57 8.84
CA THR A 285 30.01 -15.19 8.95
C THR A 285 29.76 -16.08 7.74
N LEU A 286 30.04 -15.57 6.55
CA LEU A 286 29.86 -16.35 5.34
C LEU A 286 30.69 -17.64 5.38
N ARG A 287 31.91 -17.53 5.86
CA ARG A 287 32.80 -18.67 5.97
C ARG A 287 32.24 -19.69 6.97
N LYS A 288 31.58 -19.20 8.01
CA LYS A 288 31.01 -20.08 9.03
C LYS A 288 29.75 -20.79 8.53
N ILE A 289 28.90 -20.05 7.82
CA ILE A 289 27.66 -20.61 7.28
C ILE A 289 27.95 -21.67 6.23
N GLY A 290 29.03 -21.48 5.48
CA GLY A 290 29.36 -22.43 4.44
C GLY A 290 28.39 -22.37 3.27
N GLU A 291 28.27 -23.49 2.57
CA GLU A 291 27.40 -23.55 1.42
C GLU A 291 25.94 -23.88 1.72
N ASP A 292 25.48 -23.46 2.89
CA ASP A 292 24.09 -23.65 3.27
C ASP A 292 23.33 -22.40 2.88
N TYR A 293 22.74 -22.41 1.68
CA TYR A 293 22.01 -21.26 1.18
C TYR A 293 20.61 -21.03 1.73
N ASP A 294 20.28 -21.65 2.86
CA ASP A 294 18.99 -21.45 3.49
C ASP A 294 19.24 -20.32 4.45
N VAL A 295 20.51 -19.94 4.52
CA VAL A 295 20.93 -18.82 5.34
C VAL A 295 21.16 -17.70 4.30
N LYS A 296 20.52 -16.56 4.53
CA LYS A 296 20.63 -15.43 3.62
C LYS A 296 21.38 -14.28 4.30
N VAL A 297 22.56 -13.95 3.80
CA VAL A 297 23.31 -12.85 4.35
C VAL A 297 22.92 -11.71 3.43
N LEU A 298 22.14 -10.78 3.95
CA LEU A 298 21.66 -9.66 3.15
C LEU A 298 22.21 -8.31 3.64
N THR A 299 23.05 -7.69 2.82
CA THR A 299 23.66 -6.42 3.20
C THR A 299 23.66 -5.43 2.04
N ASN A 300 23.95 -4.16 2.35
CA ASN A 300 23.97 -3.11 1.34
C ASN A 300 25.07 -3.26 0.29
N LEU A 301 25.93 -4.26 0.47
CA LEU A 301 27.01 -4.53 -0.46
C LEU A 301 26.39 -5.19 -1.69
N ILE A 302 25.28 -5.88 -1.47
CA ILE A 302 24.55 -6.60 -2.50
C ILE A 302 23.27 -5.89 -2.96
N GLY A 303 23.05 -4.67 -2.47
CA GLY A 303 21.87 -3.93 -2.87
C GLY A 303 20.71 -3.81 -1.89
N VAL A 304 20.99 -4.10 -0.61
CA VAL A 304 19.97 -4.02 0.42
C VAL A 304 20.00 -2.67 1.12
N HIS A 305 18.84 -2.05 1.22
CA HIS A 305 18.71 -0.77 1.85
C HIS A 305 17.46 -0.74 2.70
N ALA A 306 17.13 0.43 3.23
CA ALA A 306 15.98 0.62 4.10
C ALA A 306 14.73 -0.11 3.64
N ARG A 307 14.38 0.02 2.37
CA ARG A 307 13.17 -0.59 1.85
C ARG A 307 13.23 -2.11 1.79
N GLU A 308 14.42 -2.65 1.53
CA GLU A 308 14.57 -4.10 1.48
C GLU A 308 14.53 -4.64 2.91
N VAL A 309 15.15 -3.92 3.85
CA VAL A 309 15.14 -4.31 5.25
C VAL A 309 13.68 -4.41 5.69
N ASN A 310 12.89 -3.40 5.32
CA ASN A 310 11.46 -3.33 5.62
C ASN A 310 10.81 -4.66 5.24
N ALA A 311 11.00 -5.04 3.98
CA ALA A 311 10.46 -6.28 3.44
C ALA A 311 10.90 -7.50 4.27
N PHE A 312 12.19 -7.70 4.40
CA PHE A 312 12.75 -8.80 5.17
C PHE A 312 12.14 -8.94 6.56
N GLN A 313 11.86 -7.82 7.21
CA GLN A 313 11.27 -7.87 8.55
C GLN A 313 9.81 -8.29 8.43
N ARG A 314 9.08 -7.70 7.49
CA ARG A 314 7.68 -8.06 7.34
C ARG A 314 7.49 -9.54 7.03
N ALA A 315 8.38 -10.09 6.21
CA ALA A 315 8.27 -11.49 5.85
C ALA A 315 8.77 -12.46 6.92
N SER A 316 9.24 -11.93 8.04
CA SER A 316 9.75 -12.78 9.12
C SER A 316 8.66 -13.34 10.05
N ASP A 317 8.84 -14.59 10.49
CA ASP A 317 7.91 -15.24 11.38
C ASP A 317 8.32 -14.90 12.82
N VAL A 318 9.64 -14.84 13.03
CA VAL A 318 10.22 -14.52 14.33
C VAL A 318 11.46 -13.70 14.05
N ILE A 319 11.77 -12.75 14.93
CA ILE A 319 12.94 -11.93 14.76
C ILE A 319 13.75 -12.06 16.03
N LEU A 320 15.07 -12.15 15.91
CA LEU A 320 15.95 -12.30 17.07
C LEU A 320 16.90 -11.12 17.26
N GLN A 321 17.49 -11.05 18.45
CA GLN A 321 18.44 -9.98 18.76
C GLN A 321 19.27 -10.47 19.92
N MET A 322 20.15 -11.43 19.66
CA MET A 322 21.00 -11.99 20.70
C MET A 322 22.22 -11.14 21.01
N SER A 323 22.04 -9.82 21.00
CA SER A 323 23.16 -8.92 21.30
C SER A 323 23.70 -9.20 22.70
N ILE A 324 25.01 -9.17 22.82
CA ILE A 324 25.67 -9.40 24.10
C ILE A 324 25.91 -8.00 24.65
N ARG A 325 26.23 -7.08 23.76
CA ARG A 325 26.45 -5.69 24.13
C ARG A 325 25.58 -4.89 23.18
N ALA A 326 24.66 -4.10 23.72
CA ALA A 326 23.76 -3.31 22.88
C ALA A 326 23.41 -1.90 23.33
N GLY A 327 23.04 -1.09 22.34
CA GLY A 327 22.62 0.27 22.62
C GLY A 327 21.12 0.18 22.86
N PHE A 328 20.34 1.07 22.26
CA PHE A 328 18.90 1.04 22.48
C PHE A 328 18.17 -0.06 21.72
N GLY A 329 18.68 -0.38 20.52
CA GLY A 329 18.09 -1.43 19.71
C GLY A 329 16.88 -1.03 18.87
N LEU A 330 17.01 0.03 18.07
CA LEU A 330 15.91 0.49 17.22
C LEU A 330 15.44 -0.65 16.33
N THR A 331 16.29 -1.65 16.11
CA THR A 331 15.92 -2.78 15.28
C THR A 331 14.78 -3.57 15.94
N VAL A 332 14.86 -3.76 17.25
CA VAL A 332 13.81 -4.45 17.98
C VAL A 332 12.52 -3.61 17.87
N THR A 333 12.68 -2.28 17.91
CA THR A 333 11.56 -1.36 17.80
C THR A 333 10.83 -1.52 16.46
N GLU A 334 11.60 -1.57 15.38
CA GLU A 334 11.03 -1.71 14.04
C GLU A 334 10.28 -3.03 13.91
N ALA A 335 10.89 -4.10 14.40
CA ALA A 335 10.26 -5.42 14.32
C ALA A 335 8.94 -5.38 15.08
N MET A 336 9.00 -4.94 16.33
CA MET A 336 7.82 -4.85 17.17
C MET A 336 6.72 -4.06 16.51
N TRP A 337 7.08 -2.98 15.83
CA TRP A 337 6.11 -2.14 15.15
C TRP A 337 5.47 -2.87 13.99
N LYS A 338 6.21 -3.83 13.42
CA LYS A 338 5.66 -4.60 12.29
C LYS A 338 4.86 -5.81 12.73
N GLY A 339 4.54 -5.87 14.03
CA GLY A 339 3.75 -6.97 14.55
C GLY A 339 4.47 -8.28 14.78
N LYS A 340 5.78 -8.20 14.90
CA LYS A 340 6.58 -9.39 15.11
C LYS A 340 7.05 -9.60 16.53
N PRO A 341 7.04 -10.86 17.01
CA PRO A 341 7.48 -11.19 18.36
C PRO A 341 9.01 -11.28 18.27
N VAL A 342 9.69 -10.65 19.21
CA VAL A 342 11.15 -10.63 19.23
C VAL A 342 11.70 -11.51 20.35
N ILE A 343 12.82 -12.17 20.08
CA ILE A 343 13.50 -13.03 21.05
C ILE A 343 14.91 -12.45 21.16
N GLY A 344 15.29 -11.97 22.34
CA GLY A 344 16.63 -11.40 22.46
C GLY A 344 17.21 -11.43 23.86
N ARG A 345 18.50 -11.14 23.97
CA ARG A 345 19.13 -11.11 25.28
C ARG A 345 18.64 -9.87 26.00
N ALA A 346 18.76 -9.85 27.32
CA ALA A 346 18.31 -8.71 28.11
C ALA A 346 19.44 -7.70 28.30
N VAL A 347 19.67 -6.88 27.28
CA VAL A 347 20.73 -5.87 27.35
C VAL A 347 20.32 -4.55 26.69
N GLY A 348 20.95 -3.46 27.11
CA GLY A 348 20.64 -2.15 26.56
C GLY A 348 19.15 -1.92 26.36
N GLY A 349 18.78 -1.28 25.26
CA GLY A 349 17.39 -1.01 25.01
C GLY A 349 16.53 -2.24 24.72
N ILE A 350 17.15 -3.40 24.63
CA ILE A 350 16.41 -4.63 24.34
C ILE A 350 15.64 -5.16 25.55
N LYS A 351 16.14 -4.89 26.76
CA LYS A 351 15.48 -5.36 27.97
C LYS A 351 14.35 -4.41 28.35
N PHE A 352 14.47 -3.17 27.89
CA PHE A 352 13.47 -2.15 28.14
C PHE A 352 12.27 -2.31 27.20
N GLN A 353 12.52 -2.49 25.90
CA GLN A 353 11.45 -2.61 24.93
C GLN A 353 10.65 -3.89 24.98
N ILE A 354 11.34 -5.01 25.24
CA ILE A 354 10.63 -6.29 25.30
C ILE A 354 10.02 -6.51 26.68
N VAL A 355 8.72 -6.81 26.70
CA VAL A 355 8.04 -7.10 27.94
C VAL A 355 7.97 -8.61 27.86
N ASP A 356 8.93 -9.29 28.49
CA ASP A 356 9.00 -10.74 28.42
C ASP A 356 7.69 -11.47 28.65
N GLY A 357 7.39 -12.38 27.74
CA GLY A 357 6.19 -13.18 27.84
C GLY A 357 4.96 -12.46 27.34
N GLU A 358 5.09 -11.16 27.07
CA GLU A 358 3.96 -10.38 26.58
C GLU A 358 4.11 -9.86 25.15
N THR A 359 5.20 -9.16 24.86
CA THR A 359 5.44 -8.63 23.52
C THR A 359 6.47 -9.47 22.80
N GLY A 360 7.36 -10.09 23.57
CA GLY A 360 8.40 -10.94 23.00
C GLY A 360 8.98 -11.76 24.14
N PHE A 361 10.23 -12.20 24.01
CA PHE A 361 10.86 -12.98 25.06
C PHE A 361 12.28 -12.54 25.30
N LEU A 362 12.67 -12.52 26.57
CA LEU A 362 14.04 -12.21 26.95
C LEU A 362 14.65 -13.56 27.38
N VAL A 363 15.66 -14.02 26.66
CA VAL A 363 16.31 -15.30 26.96
C VAL A 363 17.76 -15.11 27.36
N ARG A 364 18.38 -16.15 27.90
CA ARG A 364 19.77 -16.02 28.33
C ARG A 364 20.80 -16.71 27.44
N ASP A 365 20.35 -17.59 26.56
CA ASP A 365 21.29 -18.27 25.68
C ASP A 365 20.59 -18.79 24.42
N ALA A 366 21.34 -19.52 23.60
CA ALA A 366 20.81 -20.08 22.37
C ALA A 366 19.81 -21.21 22.58
N ASN A 367 20.03 -22.06 23.58
CA ASN A 367 19.08 -23.15 23.81
C ASN A 367 17.72 -22.64 24.27
N GLU A 368 17.72 -21.57 25.04
CA GLU A 368 16.47 -20.98 25.52
C GLU A 368 15.83 -20.31 24.29
N ALA A 369 16.66 -19.78 23.41
CA ALA A 369 16.20 -19.12 22.19
C ALA A 369 15.53 -20.12 21.28
N VAL A 370 16.14 -21.29 21.13
CA VAL A 370 15.59 -22.34 20.28
C VAL A 370 14.19 -22.78 20.71
N GLU A 371 14.00 -22.90 22.03
CA GLU A 371 12.74 -23.31 22.61
C GLU A 371 11.61 -22.36 22.21
N VAL A 372 11.82 -21.07 22.47
CA VAL A 372 10.83 -20.06 22.16
C VAL A 372 10.56 -19.90 20.67
N VAL A 373 11.57 -20.12 19.83
CA VAL A 373 11.35 -19.99 18.38
C VAL A 373 10.42 -21.11 17.94
N LEU A 374 10.68 -22.32 18.44
CA LEU A 374 9.84 -23.45 18.09
C LEU A 374 8.43 -23.22 18.64
N TYR A 375 8.35 -22.76 19.88
CA TYR A 375 7.06 -22.48 20.49
C TYR A 375 6.30 -21.53 19.58
N LEU A 376 6.83 -20.31 19.41
CA LEU A 376 6.19 -19.32 18.55
C LEU A 376 5.79 -19.89 17.19
N LEU A 377 6.76 -20.42 16.44
CA LEU A 377 6.48 -21.00 15.13
C LEU A 377 5.37 -22.06 15.24
N LYS A 378 5.34 -22.75 16.36
CA LYS A 378 4.35 -23.81 16.60
C LYS A 378 2.96 -23.22 16.87
N HIS A 379 2.94 -22.10 17.60
CA HIS A 379 1.70 -21.44 17.96
C HIS A 379 1.54 -20.06 17.33
N PRO A 380 1.24 -20.02 16.02
CA PRO A 380 1.08 -18.73 15.33
C PRO A 380 0.07 -17.76 15.95
N GLU A 381 -0.88 -18.27 16.73
CA GLU A 381 -1.87 -17.41 17.38
C GLU A 381 -1.19 -16.68 18.56
N VAL A 382 -0.40 -17.42 19.32
CA VAL A 382 0.30 -16.82 20.43
C VAL A 382 1.23 -15.77 19.84
N SER A 383 1.83 -16.11 18.70
CA SER A 383 2.72 -15.21 18.00
C SER A 383 1.98 -13.97 17.49
N LYS A 384 0.76 -14.16 17.01
CA LYS A 384 -0.02 -13.03 16.52
C LYS A 384 -0.30 -12.14 17.71
N GLU A 385 -0.60 -12.76 18.84
CA GLU A 385 -0.88 -11.99 20.04
C GLU A 385 0.31 -11.18 20.53
N MET A 386 1.46 -11.82 20.68
CA MET A 386 2.66 -11.13 21.12
C MET A 386 3.00 -9.98 20.17
N GLY A 387 2.82 -10.21 18.87
CA GLY A 387 3.10 -9.17 17.89
C GLY A 387 2.19 -7.96 18.04
N ALA A 388 0.88 -8.23 18.16
CA ALA A 388 -0.11 -7.16 18.31
C ALA A 388 0.17 -6.27 19.52
N LYS A 389 0.52 -6.89 20.65
CA LYS A 389 0.82 -6.12 21.85
C LYS A 389 2.16 -5.38 21.74
N ALA A 390 3.10 -5.93 20.97
CA ALA A 390 4.39 -5.28 20.82
C ALA A 390 4.21 -4.07 19.91
N LYS A 391 3.25 -4.14 19.00
CA LYS A 391 3.05 -3.02 18.11
C LYS A 391 2.50 -1.86 18.93
N GLU A 392 1.52 -2.15 19.77
CA GLU A 392 0.93 -1.13 20.63
C GLU A 392 1.94 -0.42 21.51
N ARG A 393 2.83 -1.20 22.11
CA ARG A 393 3.86 -0.65 22.99
C ARG A 393 4.63 0.40 22.23
N VAL A 394 4.93 0.09 20.96
CA VAL A 394 5.65 1.03 20.11
C VAL A 394 4.79 2.26 19.81
N ARG A 395 3.55 2.03 19.38
CA ARG A 395 2.62 3.09 19.07
C ARG A 395 2.41 4.03 20.25
N LYS A 396 2.36 3.49 21.45
CA LYS A 396 2.15 4.33 22.63
C LYS A 396 3.41 4.78 23.33
N ASN A 397 4.58 4.38 22.84
CA ASN A 397 5.83 4.73 23.51
C ASN A 397 7.03 5.17 22.69
N PHE A 398 7.18 4.62 21.48
CA PHE A 398 8.36 4.93 20.68
C PHE A 398 8.12 5.41 19.25
N ILE A 399 7.07 6.17 19.05
CA ILE A 399 6.74 6.72 17.73
C ILE A 399 7.36 8.10 17.67
N ILE A 400 7.63 8.61 16.48
CA ILE A 400 8.21 9.94 16.36
C ILE A 400 7.29 11.03 16.92
N THR A 401 5.97 10.80 16.87
CA THR A 401 5.03 11.78 17.39
C THR A 401 5.09 11.77 18.92
N LYS A 402 5.35 10.58 19.49
CA LYS A 402 5.47 10.44 20.93
C LYS A 402 6.84 10.98 21.34
N HIS A 403 7.80 10.95 20.41
CA HIS A 403 9.15 11.46 20.64
C HIS A 403 9.04 12.97 20.76
N MET A 404 8.30 13.57 19.84
CA MET A 404 8.10 15.02 19.83
C MET A 404 7.38 15.44 21.11
N GLU A 405 6.30 14.75 21.45
CA GLU A 405 5.55 15.08 22.65
C GLU A 405 6.47 15.09 23.86
N ARG A 406 7.53 14.28 23.83
CA ARG A 406 8.47 14.25 24.93
C ARG A 406 9.26 15.54 24.96
N TYR A 407 9.50 16.11 23.79
CA TYR A 407 10.23 17.36 23.70
C TYR A 407 9.40 18.48 24.30
N LEU A 408 8.10 18.46 24.02
CA LEU A 408 7.22 19.47 24.55
C LEU A 408 7.34 19.43 26.08
N ASP A 409 7.05 18.28 26.67
CA ASP A 409 7.13 18.11 28.11
C ASP A 409 8.37 18.76 28.70
N ILE A 410 9.49 18.64 27.99
CA ILE A 410 10.75 19.21 28.44
C ILE A 410 10.80 20.72 28.29
N LEU A 411 10.24 21.24 27.21
CA LEU A 411 10.23 22.68 26.99
C LEU A 411 9.21 23.32 27.93
N ASN A 412 8.18 22.56 28.29
CA ASN A 412 7.14 23.05 29.19
C ASN A 412 7.65 23.02 30.63
N SER A 413 8.86 22.52 30.81
CA SER A 413 9.43 22.42 32.14
C SER A 413 10.74 23.18 32.25
N LEU A 414 10.81 24.36 31.64
CA LEU A 414 12.02 25.15 31.71
C LEU A 414 11.71 26.53 32.27
N GLY A 415 10.85 27.23 31.67
N MET B 3 -28.80 19.00 -20.52
CA MET B 3 -27.54 18.30 -20.90
C MET B 3 -26.32 19.12 -20.49
N TYR B 4 -25.79 18.84 -19.30
CA TYR B 4 -24.63 19.56 -18.80
C TYR B 4 -23.34 18.80 -19.11
N GLU B 5 -22.21 19.50 -19.00
CA GLU B 5 -20.92 18.89 -19.24
C GLU B 5 -20.19 18.64 -17.92
N VAL B 6 -19.47 17.52 -17.84
CA VAL B 6 -18.72 17.17 -16.65
C VAL B 6 -17.31 17.75 -16.78
N LYS B 7 -16.97 18.71 -15.92
CA LYS B 7 -15.66 19.34 -15.94
C LYS B 7 -14.78 18.77 -14.84
N GLU B 8 -15.36 18.57 -13.66
CA GLU B 8 -14.65 18.01 -12.52
C GLU B 8 -14.66 16.49 -12.65
N PHE B 9 -13.55 15.85 -12.28
CA PHE B 9 -13.46 14.39 -12.37
C PHE B 9 -13.07 13.74 -11.04
N SER B 10 -13.99 12.97 -10.48
CA SER B 10 -13.78 12.29 -9.20
C SER B 10 -12.44 11.56 -9.14
N SER B 11 -12.15 10.77 -10.18
CA SER B 11 -10.89 10.04 -10.24
C SER B 11 -9.81 11.06 -10.60
N GLY B 12 -9.80 12.17 -9.88
CA GLY B 12 -8.84 13.23 -10.13
C GLY B 12 -8.60 13.38 -11.62
N LYS B 13 -7.36 13.61 -12.00
CA LYS B 13 -7.02 13.75 -13.41
C LYS B 13 -6.13 12.57 -13.83
N ARG B 14 -6.74 11.41 -14.01
CA ARG B 14 -6.01 10.23 -14.44
C ARG B 14 -5.18 10.60 -15.65
N LYS B 15 -3.89 10.34 -15.58
CA LYS B 15 -2.97 10.64 -16.67
C LYS B 15 -2.35 9.31 -17.09
N LEU B 16 -2.00 9.19 -18.36
CA LEU B 16 -1.36 7.98 -18.84
C LEU B 16 -0.19 7.69 -17.91
N GLU B 17 0.53 8.75 -17.54
CA GLU B 17 1.69 8.64 -16.68
C GLU B 17 1.38 7.89 -15.38
N ASP B 18 0.16 8.07 -14.88
CA ASP B 18 -0.27 7.41 -13.65
C ASP B 18 -0.29 5.89 -13.75
N TYR B 19 -0.10 5.37 -14.95
CA TYR B 19 -0.09 3.92 -15.16
C TYR B 19 1.25 3.43 -15.69
N LYS B 20 2.18 4.35 -15.92
CA LYS B 20 3.49 3.99 -16.46
C LYS B 20 4.09 2.74 -15.80
N SER B 21 4.08 2.72 -14.48
CA SER B 21 4.62 1.61 -13.71
C SER B 21 3.90 0.28 -13.97
N ILE B 22 2.61 0.37 -14.30
CA ILE B 22 1.78 -0.80 -14.56
C ILE B 22 1.92 -1.41 -15.95
N ILE B 23 2.01 -0.57 -16.98
CA ILE B 23 2.09 -1.07 -18.35
C ILE B 23 3.46 -1.06 -19.04
N GLY B 24 4.42 -0.35 -18.46
CA GLY B 24 5.73 -0.30 -19.09
C GLY B 24 5.81 0.89 -20.03
N GLU B 25 7.03 1.29 -20.37
CA GLU B 25 7.22 2.43 -21.24
C GLU B 25 7.05 2.16 -22.73
N GLU B 26 7.16 0.90 -23.14
CA GLU B 26 6.98 0.59 -24.56
C GLU B 26 5.52 0.84 -24.94
N GLU B 27 4.63 0.43 -24.05
CA GLU B 27 3.20 0.60 -24.26
C GLU B 27 2.78 2.05 -24.06
N VAL B 28 3.33 2.71 -23.06
CA VAL B 28 2.97 4.11 -22.82
C VAL B 28 3.36 4.91 -24.07
N SER B 29 4.32 4.39 -24.84
CA SER B 29 4.75 5.05 -26.06
C SER B 29 3.77 4.66 -27.17
N LYS B 30 3.67 3.36 -27.41
CA LYS B 30 2.78 2.81 -28.43
C LYS B 30 1.43 3.53 -28.36
N ILE B 31 1.07 3.93 -27.15
CA ILE B 31 -0.19 4.63 -26.89
C ILE B 31 -0.07 6.08 -27.35
N GLN B 32 0.94 6.77 -26.83
CA GLN B 32 1.18 8.17 -27.20
C GLN B 32 1.31 8.35 -28.70
N GLU B 33 1.91 7.37 -29.37
CA GLU B 33 2.08 7.41 -30.82
C GLU B 33 0.73 7.37 -31.53
N LYS B 34 -0.12 6.40 -31.14
CA LYS B 34 -1.44 6.24 -31.75
C LYS B 34 -2.39 7.39 -31.48
N ALA B 35 -2.08 8.21 -30.50
CA ALA B 35 -2.95 9.34 -30.16
C ALA B 35 -2.41 10.68 -30.66
N GLU B 36 -1.30 10.66 -31.41
CA GLU B 36 -0.73 11.90 -31.94
C GLU B 36 -1.46 12.21 -33.24
N LYS B 37 -1.72 11.18 -34.02
CA LYS B 37 -2.40 11.31 -35.30
C LYS B 37 -3.81 11.81 -35.10
N LEU B 38 -4.23 11.94 -33.84
CA LEU B 38 -5.58 12.43 -33.51
C LEU B 38 -5.45 13.57 -32.53
N LYS B 39 -4.26 14.16 -32.47
CA LYS B 39 -3.98 15.27 -31.57
C LYS B 39 -4.81 16.52 -31.85
N GLY B 40 -5.44 17.06 -30.80
CA GLY B 40 -6.25 18.26 -30.93
C GLY B 40 -7.68 18.02 -31.37
N ARG B 41 -8.06 16.76 -31.55
CA ARG B 41 -9.40 16.40 -31.99
C ARG B 41 -10.47 16.56 -30.90
N SER B 42 -11.73 16.42 -31.31
CA SER B 42 -12.87 16.53 -30.40
C SER B 42 -13.47 15.12 -30.28
N PHE B 43 -13.38 14.55 -29.09
CA PHE B 43 -13.92 13.22 -28.85
C PHE B 43 -14.80 13.33 -27.61
N VAL B 44 -16.10 13.51 -27.82
CA VAL B 44 -17.03 13.67 -26.71
C VAL B 44 -17.86 12.43 -26.41
N HIS B 45 -18.26 12.30 -25.15
CA HIS B 45 -19.06 11.17 -24.67
C HIS B 45 -20.37 11.69 -24.09
N VAL B 46 -21.45 10.93 -24.28
CA VAL B 46 -22.75 11.32 -23.74
C VAL B 46 -23.45 10.12 -23.07
N ASN B 47 -23.97 10.33 -21.86
CA ASN B 47 -24.67 9.25 -21.16
C ASN B 47 -25.76 9.78 -20.22
N SER B 48 -26.23 8.93 -19.31
CA SER B 48 -27.30 9.31 -18.39
C SER B 48 -26.93 9.80 -16.99
N THR B 49 -25.70 9.57 -16.55
CA THR B 49 -25.31 10.03 -15.23
C THR B 49 -23.81 9.96 -14.96
N SER B 50 -23.38 10.67 -13.94
CA SER B 50 -21.97 10.68 -13.57
C SER B 50 -21.80 10.13 -12.17
N PHE B 51 -22.85 9.51 -11.64
CA PHE B 51 -22.83 8.95 -10.29
C PHE B 51 -23.02 7.43 -10.26
N GLY B 52 -24.27 7.00 -10.16
CA GLY B 52 -24.59 5.59 -10.09
C GLY B 52 -24.36 4.77 -11.35
N GLY B 53 -23.20 4.15 -11.46
CA GLY B 53 -22.90 3.33 -12.61
C GLY B 53 -21.42 3.04 -12.83
N GLY B 54 -21.14 1.82 -13.29
CA GLY B 54 -19.76 1.44 -13.56
C GLY B 54 -19.30 2.23 -14.77
N VAL B 55 -20.24 2.46 -15.69
CA VAL B 55 -19.95 3.22 -16.90
C VAL B 55 -19.48 4.61 -16.53
N ALA B 56 -20.14 5.23 -15.56
CA ALA B 56 -19.77 6.56 -15.12
C ALA B 56 -18.36 6.50 -14.55
N GLU B 57 -18.12 5.50 -13.71
CA GLU B 57 -16.82 5.32 -13.07
C GLU B 57 -15.73 5.16 -14.12
N ILE B 58 -16.08 4.58 -15.26
CA ILE B 58 -15.13 4.37 -16.33
C ILE B 58 -14.75 5.68 -17.01
N LEU B 59 -15.75 6.52 -17.26
CA LEU B 59 -15.53 7.81 -17.90
C LEU B 59 -14.68 8.75 -17.04
N HIS B 60 -14.94 8.74 -15.73
CA HIS B 60 -14.20 9.58 -14.79
C HIS B 60 -12.70 9.37 -14.89
N SER B 61 -12.30 8.25 -15.48
CA SER B 61 -10.88 7.95 -15.64
C SER B 61 -10.49 8.00 -17.11
N LEU B 62 -11.40 7.53 -17.96
CA LEU B 62 -11.16 7.50 -19.40
C LEU B 62 -11.06 8.87 -20.05
N VAL B 63 -11.90 9.81 -19.63
CA VAL B 63 -11.88 11.17 -20.20
C VAL B 63 -10.58 11.88 -19.87
N PRO B 64 -10.22 11.93 -18.57
CA PRO B 64 -8.97 12.60 -18.19
C PRO B 64 -7.82 12.01 -18.99
N LEU B 65 -7.80 10.68 -19.08
CA LEU B 65 -6.78 9.94 -19.80
C LEU B 65 -6.66 10.44 -21.23
N LEU B 66 -7.77 10.45 -21.96
CA LEU B 66 -7.77 10.92 -23.35
C LEU B 66 -7.24 12.35 -23.40
N ARG B 67 -7.64 13.12 -22.39
CA ARG B 67 -7.23 14.51 -22.27
C ARG B 67 -5.70 14.55 -22.26
N SER B 68 -5.11 13.95 -21.21
CA SER B 68 -3.66 13.92 -21.04
C SER B 68 -2.85 13.28 -22.16
N ILE B 69 -3.49 12.81 -23.23
CA ILE B 69 -2.71 12.23 -24.32
C ILE B 69 -2.88 12.97 -25.65
N GLY B 70 -3.29 14.24 -25.58
CA GLY B 70 -3.42 15.05 -26.79
C GLY B 70 -4.79 15.22 -27.40
N ILE B 71 -5.76 14.44 -26.94
CA ILE B 71 -7.12 14.50 -27.46
C ILE B 71 -8.01 15.36 -26.58
N GLU B 72 -8.75 16.28 -27.19
CA GLU B 72 -9.63 17.15 -26.42
C GLU B 72 -10.91 16.41 -26.10
N ALA B 73 -10.80 15.40 -25.24
CA ALA B 73 -11.96 14.61 -24.84
C ALA B 73 -12.86 15.44 -23.93
N ARG B 74 -14.16 15.25 -24.07
CA ARG B 74 -15.12 15.97 -23.24
C ARG B 74 -16.30 15.05 -22.96
N TRP B 75 -16.98 15.25 -21.82
CA TRP B 75 -18.08 14.39 -21.43
C TRP B 75 -19.37 15.13 -21.05
N PHE B 76 -20.43 14.88 -21.81
CA PHE B 76 -21.73 15.51 -21.55
C PHE B 76 -22.74 14.47 -21.06
N VAL B 77 -23.62 14.89 -20.15
CA VAL B 77 -24.64 14.02 -19.58
C VAL B 77 -26.04 14.51 -19.93
N ILE B 78 -27.02 13.60 -19.86
CA ILE B 78 -28.40 13.92 -20.17
C ILE B 78 -29.18 14.15 -18.87
N GLU B 79 -30.08 15.13 -18.90
CA GLU B 79 -30.90 15.47 -17.73
C GLU B 79 -32.33 14.99 -17.97
N GLY B 80 -33.10 14.81 -16.92
CA GLY B 80 -34.47 14.36 -17.11
C GLY B 80 -35.27 14.05 -15.87
N PRO B 81 -36.60 13.96 -16.00
CA PRO B 81 -37.51 13.67 -14.89
C PRO B 81 -37.59 12.16 -14.65
N THR B 82 -38.11 11.77 -13.49
CA THR B 82 -38.23 10.36 -13.14
C THR B 82 -38.92 9.56 -14.22
N GLU B 83 -40.06 10.06 -14.70
CA GLU B 83 -40.84 9.40 -15.73
C GLU B 83 -40.05 9.09 -17.00
N PHE B 84 -38.80 9.57 -17.07
CA PHE B 84 -37.95 9.33 -18.23
C PHE B 84 -37.04 8.16 -17.97
N PHE B 85 -36.49 8.12 -16.75
CA PHE B 85 -35.59 7.04 -16.35
C PHE B 85 -36.36 5.75 -16.08
N ASN B 86 -37.57 5.89 -15.55
CA ASN B 86 -38.40 4.73 -15.26
C ASN B 86 -38.67 4.06 -16.60
N VAL B 87 -38.94 4.88 -17.62
CA VAL B 87 -39.20 4.41 -18.98
C VAL B 87 -37.92 3.77 -19.53
N THR B 88 -36.79 4.46 -19.38
CA THR B 88 -35.52 3.94 -19.85
C THR B 88 -35.11 2.70 -19.07
N LYS B 89 -35.64 2.54 -17.85
CA LYS B 89 -35.35 1.36 -17.05
C LYS B 89 -36.09 0.20 -17.72
N THR B 90 -37.32 0.48 -18.13
CA THR B 90 -38.15 -0.50 -18.83
C THR B 90 -37.44 -0.87 -20.12
N PHE B 91 -36.93 0.14 -20.82
CA PHE B 91 -36.22 -0.07 -22.07
C PHE B 91 -35.05 -1.01 -21.81
N HIS B 92 -34.24 -0.68 -20.81
CA HIS B 92 -33.09 -1.48 -20.43
C HIS B 92 -33.47 -2.95 -20.20
N ASN B 93 -34.47 -3.19 -19.35
CA ASN B 93 -34.91 -4.56 -19.06
C ASN B 93 -35.53 -5.22 -20.27
N ALA B 94 -36.22 -4.42 -21.09
CA ALA B 94 -36.85 -4.94 -22.28
C ALA B 94 -35.83 -5.39 -23.32
N LEU B 95 -34.72 -4.65 -23.42
CA LEU B 95 -33.66 -4.97 -24.37
C LEU B 95 -32.92 -6.23 -23.94
N GLN B 96 -32.94 -6.50 -22.64
CA GLN B 96 -32.28 -7.68 -22.07
C GLN B 96 -33.32 -8.75 -21.73
N GLY B 97 -34.06 -9.19 -22.74
CA GLY B 97 -35.08 -10.20 -22.51
C GLY B 97 -36.34 -9.57 -21.93
N ASN B 98 -37.02 -10.30 -21.08
CA ASN B 98 -38.25 -9.80 -20.46
C ASN B 98 -39.14 -9.33 -21.58
N GLU B 99 -39.56 -10.25 -22.45
CA GLU B 99 -40.42 -9.87 -23.56
C GLU B 99 -41.86 -9.79 -23.09
N SER B 100 -42.06 -9.25 -21.88
CA SER B 100 -43.39 -9.11 -21.31
C SER B 100 -43.73 -7.65 -21.06
N LEU B 101 -42.86 -6.75 -21.51
CA LEU B 101 -43.07 -5.32 -21.34
C LEU B 101 -43.63 -4.72 -22.63
N LYS B 102 -44.53 -3.75 -22.49
CA LYS B 102 -45.13 -3.09 -23.65
C LYS B 102 -44.59 -1.66 -23.87
N LEU B 103 -44.20 -1.36 -25.10
CA LEU B 103 -43.69 -0.03 -25.44
C LEU B 103 -44.85 0.78 -26.02
N THR B 104 -45.31 1.77 -25.25
CA THR B 104 -46.43 2.61 -25.68
C THR B 104 -45.96 3.95 -26.25
N GLU B 105 -46.89 4.67 -26.87
CA GLU B 105 -46.59 5.97 -27.46
C GLU B 105 -46.22 7.00 -26.41
N GLU B 106 -46.88 6.92 -25.25
CA GLU B 106 -46.59 7.84 -24.15
C GLU B 106 -45.09 7.75 -23.88
N MET B 107 -44.55 6.55 -24.00
CA MET B 107 -43.14 6.29 -23.77
C MET B 107 -42.27 6.90 -24.87
N LYS B 108 -42.59 6.58 -26.12
CA LYS B 108 -41.84 7.11 -27.26
C LYS B 108 -41.79 8.64 -27.24
N GLU B 109 -42.93 9.26 -26.94
CA GLU B 109 -43.00 10.72 -26.91
C GLU B 109 -42.02 11.26 -25.87
N LEU B 110 -42.11 10.74 -24.65
CA LEU B 110 -41.25 11.18 -23.57
C LEU B 110 -39.78 10.95 -23.88
N TYR B 111 -39.44 9.75 -24.31
CA TYR B 111 -38.05 9.43 -24.64
C TYR B 111 -37.49 10.36 -25.68
N LEU B 112 -38.23 10.52 -26.79
CA LEU B 112 -37.78 11.41 -27.86
C LEU B 112 -37.73 12.88 -27.45
N ASN B 113 -38.76 13.35 -26.78
CA ASN B 113 -38.80 14.74 -26.32
C ASN B 113 -37.57 15.04 -25.48
N VAL B 114 -37.40 14.28 -24.39
CA VAL B 114 -36.26 14.48 -23.50
C VAL B 114 -34.97 14.50 -24.31
N ASN B 115 -34.95 13.76 -25.41
CA ASN B 115 -33.78 13.71 -26.28
C ASN B 115 -33.67 14.99 -27.11
N ARG B 116 -34.81 15.67 -27.27
CA ARG B 116 -34.86 16.90 -28.04
C ARG B 116 -34.30 18.06 -27.24
N GLU B 117 -34.91 18.33 -26.09
CA GLU B 117 -34.49 19.42 -25.23
C GLU B 117 -33.01 19.34 -24.88
N ASN B 118 -32.53 18.14 -24.56
CA ASN B 118 -31.14 17.95 -24.15
C ASN B 118 -30.18 18.23 -25.31
N SER B 119 -30.67 18.17 -26.54
CA SER B 119 -29.81 18.40 -27.70
C SER B 119 -29.77 19.85 -28.14
N LYS B 120 -30.36 20.74 -27.34
CA LYS B 120 -30.36 22.16 -27.69
C LYS B 120 -29.44 22.94 -26.78
N PHE B 121 -28.77 22.24 -25.88
CA PHE B 121 -27.85 22.87 -24.94
C PHE B 121 -26.43 22.88 -25.48
N ILE B 122 -26.04 21.80 -26.15
CA ILE B 122 -24.70 21.69 -26.73
C ILE B 122 -24.79 21.13 -28.14
N ASP B 123 -24.01 21.69 -29.06
CA ASP B 123 -24.03 21.20 -30.44
C ASP B 123 -23.04 20.08 -30.68
N LEU B 124 -23.45 18.86 -30.32
CA LEU B 124 -22.62 17.67 -30.47
C LEU B 124 -22.08 17.50 -31.89
N SER B 125 -22.90 17.84 -32.89
CA SER B 125 -22.51 17.70 -34.29
C SER B 125 -21.27 18.51 -34.66
N SER B 126 -20.83 19.39 -33.77
CA SER B 126 -19.67 20.22 -34.06
C SER B 126 -18.33 19.60 -33.68
N PHE B 127 -18.36 18.42 -33.05
CA PHE B 127 -17.13 17.76 -32.63
C PHE B 127 -16.63 16.74 -33.66
N ASP B 128 -15.32 16.52 -33.69
CA ASP B 128 -14.72 15.59 -34.64
C ASP B 128 -15.23 14.16 -34.50
N TYR B 129 -15.56 13.77 -33.27
CA TYR B 129 -16.08 12.43 -33.00
C TYR B 129 -17.06 12.44 -31.85
N VAL B 130 -18.20 11.78 -32.03
CA VAL B 130 -19.21 11.72 -30.99
C VAL B 130 -19.51 10.28 -30.62
N LEU B 131 -19.58 10.02 -29.32
CA LEU B 131 -19.86 8.67 -28.83
C LEU B 131 -21.00 8.76 -27.82
N VAL B 132 -22.02 7.93 -28.03
CA VAL B 132 -23.18 7.91 -27.17
C VAL B 132 -23.25 6.59 -26.40
N HIS B 133 -23.47 6.67 -25.10
CA HIS B 133 -23.54 5.48 -24.24
C HIS B 133 -24.94 4.99 -23.88
N ASP B 134 -25.21 3.72 -24.19
CA ASP B 134 -26.50 3.09 -23.89
C ASP B 134 -27.72 3.79 -24.49
N PRO B 135 -28.91 3.20 -24.33
CA PRO B 135 -30.18 3.74 -24.85
C PRO B 135 -30.56 5.21 -24.59
N GLN B 136 -30.70 5.58 -23.32
CA GLN B 136 -31.14 6.92 -22.93
C GLN B 136 -30.88 8.08 -23.89
N PRO B 137 -29.67 8.17 -24.46
CA PRO B 137 -29.43 9.29 -25.38
C PRO B 137 -29.28 8.87 -26.86
N ALA B 138 -29.48 7.59 -27.15
CA ALA B 138 -29.35 7.05 -28.49
C ALA B 138 -30.08 7.85 -29.57
N ALA B 139 -31.16 8.54 -29.18
CA ALA B 139 -31.95 9.32 -30.13
C ALA B 139 -31.39 10.71 -30.49
N LEU B 140 -30.36 11.14 -29.78
CA LEU B 140 -29.76 12.44 -30.04
C LEU B 140 -29.28 12.59 -31.49
N ILE B 141 -28.87 11.48 -32.08
CA ILE B 141 -28.35 11.49 -33.44
C ILE B 141 -29.27 12.06 -34.51
N GLU B 142 -30.58 12.16 -34.24
CA GLU B 142 -31.44 12.72 -35.25
C GLU B 142 -31.97 14.10 -34.88
N PHE B 143 -31.08 14.90 -34.28
CA PHE B 143 -31.40 16.27 -33.89
C PHE B 143 -30.22 17.16 -34.24
N TYR B 144 -29.40 16.67 -35.17
CA TYR B 144 -28.23 17.41 -35.65
C TYR B 144 -27.92 16.89 -37.05
N GLU B 145 -27.19 17.69 -37.82
CA GLU B 145 -26.80 17.27 -39.15
C GLU B 145 -25.37 16.79 -39.01
N LYS B 146 -25.18 15.46 -38.99
CA LYS B 146 -23.86 14.87 -38.84
C LYS B 146 -22.83 15.51 -39.75
N LYS B 147 -21.66 15.79 -39.19
CA LYS B 147 -20.56 16.41 -39.93
C LYS B 147 -19.33 15.63 -39.53
N SER B 148 -19.54 14.63 -38.67
CA SER B 148 -18.47 13.78 -38.17
C SER B 148 -19.03 12.44 -37.73
N PRO B 149 -18.17 11.44 -37.55
CA PRO B 149 -18.62 10.11 -37.12
C PRO B 149 -19.29 10.09 -35.74
N TRP B 150 -20.31 9.24 -35.61
CA TRP B 150 -21.02 9.06 -34.35
C TRP B 150 -20.93 7.58 -34.01
N LEU B 151 -20.54 7.29 -32.77
CA LEU B 151 -20.40 5.90 -32.34
C LEU B 151 -21.43 5.55 -31.28
N TRP B 152 -21.94 4.33 -31.35
CA TRP B 152 -22.93 3.83 -30.41
C TRP B 152 -22.30 2.77 -29.52
N ARG B 153 -22.10 3.12 -28.25
CA ARG B 153 -21.51 2.21 -27.29
C ARG B 153 -22.62 1.53 -26.50
N CYS B 154 -22.71 0.20 -26.64
CA CYS B 154 -23.74 -0.56 -25.95
C CYS B 154 -23.16 -1.25 -24.73
N HIS B 155 -23.77 -1.04 -23.57
CA HIS B 155 -23.29 -1.66 -22.35
C HIS B 155 -24.25 -2.73 -21.84
N ILE B 156 -25.02 -3.33 -22.74
CA ILE B 156 -25.97 -4.35 -22.33
C ILE B 156 -26.17 -5.39 -23.42
N ASP B 157 -26.92 -6.44 -23.11
CA ASP B 157 -27.15 -7.50 -24.09
C ASP B 157 -28.26 -7.21 -25.09
N LEU B 158 -28.00 -7.53 -26.35
CA LEU B 158 -28.95 -7.34 -27.44
C LEU B 158 -29.04 -8.59 -28.32
N SER B 159 -28.95 -9.76 -27.69
CA SER B 159 -29.04 -11.03 -28.42
C SER B 159 -30.48 -11.50 -28.53
N SER B 160 -31.24 -11.30 -27.45
CA SER B 160 -32.65 -11.68 -27.42
C SER B 160 -33.47 -10.50 -26.90
N PRO B 161 -33.42 -9.36 -27.62
CA PRO B 161 -34.15 -8.16 -27.23
C PRO B 161 -35.64 -8.19 -27.55
N ASN B 162 -36.45 -7.66 -26.64
CA ASN B 162 -37.89 -7.57 -26.83
C ASN B 162 -37.98 -6.89 -28.20
N ARG B 163 -38.65 -7.55 -29.15
CA ARG B 163 -38.82 -7.02 -30.51
C ARG B 163 -39.26 -5.55 -30.50
N GLU B 164 -40.49 -5.30 -30.05
CA GLU B 164 -41.05 -3.95 -29.99
C GLU B 164 -40.00 -2.88 -29.69
N PHE B 165 -39.32 -3.04 -28.57
CA PHE B 165 -38.32 -2.08 -28.12
C PHE B 165 -37.09 -1.95 -29.03
N TRP B 166 -36.62 -3.05 -29.58
CA TRP B 166 -35.45 -2.98 -30.45
C TRP B 166 -35.76 -2.26 -31.76
N GLU B 167 -36.88 -2.61 -32.38
CA GLU B 167 -37.29 -2.00 -33.64
C GLU B 167 -37.37 -0.48 -33.50
N PHE B 168 -37.60 -0.02 -32.28
CA PHE B 168 -37.70 1.41 -32.02
C PHE B 168 -36.29 1.98 -31.90
N LEU B 169 -35.52 1.46 -30.96
CA LEU B 169 -34.16 1.93 -30.75
C LEU B 169 -33.32 1.81 -32.02
N ARG B 170 -33.63 0.82 -32.84
CA ARG B 170 -32.89 0.59 -34.08
C ARG B 170 -32.93 1.75 -35.06
N ARG B 171 -33.99 2.54 -35.03
CA ARG B 171 -34.12 3.68 -35.93
C ARG B 171 -33.03 4.70 -35.64
N PHE B 172 -32.50 4.67 -34.42
CA PHE B 172 -31.44 5.59 -34.03
C PHE B 172 -30.07 4.95 -34.15
N VAL B 173 -29.94 3.71 -33.66
CA VAL B 173 -28.66 3.00 -33.72
C VAL B 173 -28.07 2.88 -35.12
N GLU B 174 -28.89 2.47 -36.08
CA GLU B 174 -28.42 2.30 -37.45
C GLU B 174 -27.83 3.58 -38.04
N LYS B 175 -28.16 4.72 -37.47
CA LYS B 175 -27.63 5.99 -37.95
C LYS B 175 -26.15 6.19 -37.63
N TYR B 176 -25.68 5.64 -36.51
CA TYR B 176 -24.28 5.80 -36.12
C TYR B 176 -23.34 5.09 -37.07
N ASP B 177 -22.12 5.62 -37.18
CA ASP B 177 -21.09 5.07 -38.05
C ASP B 177 -20.55 3.73 -37.55
N ARG B 178 -20.63 3.52 -36.24
CA ARG B 178 -20.13 2.28 -35.65
C ARG B 178 -20.92 1.94 -34.39
N TYR B 179 -21.08 0.65 -34.12
CA TYR B 179 -21.78 0.21 -32.93
C TYR B 179 -20.76 -0.62 -32.15
N ILE B 180 -20.64 -0.36 -30.86
CA ILE B 180 -19.68 -1.06 -30.03
C ILE B 180 -20.33 -1.98 -28.99
N PHE B 181 -20.01 -3.27 -29.05
CA PHE B 181 -20.56 -4.24 -28.11
C PHE B 181 -19.48 -4.93 -27.27
N HIS B 182 -19.87 -5.41 -26.09
CA HIS B 182 -18.91 -6.10 -25.22
C HIS B 182 -18.49 -7.42 -25.87
N LEU B 183 -19.48 -8.22 -26.29
CA LEU B 183 -19.18 -9.51 -26.90
C LEU B 183 -19.91 -9.77 -28.21
N PRO B 184 -19.34 -10.61 -29.08
CA PRO B 184 -19.91 -10.97 -30.37
C PRO B 184 -21.13 -11.90 -30.23
N GLU B 185 -22.10 -11.46 -29.46
CA GLU B 185 -23.33 -12.22 -29.22
C GLU B 185 -24.38 -11.15 -28.97
N TYR B 186 -23.89 -9.94 -28.78
CA TYR B 186 -24.73 -8.77 -28.51
C TYR B 186 -25.00 -7.99 -29.79
N VAL B 187 -24.32 -8.34 -30.87
CA VAL B 187 -24.48 -7.65 -32.15
C VAL B 187 -25.68 -8.11 -32.97
N GLN B 188 -26.83 -7.48 -32.77
CA GLN B 188 -28.05 -7.82 -33.50
C GLN B 188 -27.85 -7.81 -35.00
N PRO B 189 -28.35 -8.86 -35.69
CA PRO B 189 -28.24 -8.99 -37.15
C PRO B 189 -28.79 -7.81 -37.95
N GLU B 190 -29.84 -7.15 -37.44
CA GLU B 190 -30.43 -6.00 -38.13
C GLU B 190 -29.38 -4.92 -38.40
N LEU B 191 -28.18 -5.12 -37.85
CA LEU B 191 -27.09 -4.15 -37.99
C LEU B 191 -26.02 -4.69 -38.95
N ASP B 192 -25.34 -3.78 -39.65
CA ASP B 192 -24.29 -4.16 -40.60
C ASP B 192 -23.01 -4.59 -39.89
N ARG B 193 -22.76 -5.88 -39.85
CA ARG B 193 -21.58 -6.42 -39.17
C ARG B 193 -20.23 -5.90 -39.67
N ASN B 194 -20.24 -4.92 -40.58
CA ASN B 194 -18.99 -4.36 -41.07
C ASN B 194 -18.76 -3.08 -40.27
N LYS B 195 -19.85 -2.46 -39.84
CA LYS B 195 -19.77 -1.25 -39.06
C LYS B 195 -20.05 -1.55 -37.58
N ALA B 196 -19.83 -2.80 -37.21
CA ALA B 196 -20.00 -3.25 -35.84
C ALA B 196 -18.61 -3.43 -35.23
N VAL B 197 -18.50 -3.28 -33.91
CA VAL B 197 -17.21 -3.43 -33.24
C VAL B 197 -17.26 -4.11 -31.87
N ILE B 198 -16.41 -5.11 -31.69
CA ILE B 198 -16.31 -5.84 -30.44
C ILE B 198 -15.27 -5.15 -29.55
N MET B 199 -15.72 -4.61 -28.43
CA MET B 199 -14.82 -3.92 -27.52
C MET B 199 -15.21 -4.28 -26.09
N PRO B 200 -14.53 -5.29 -25.52
CA PRO B 200 -14.79 -5.74 -24.15
C PRO B 200 -14.65 -4.67 -23.08
N PRO B 201 -15.35 -4.84 -21.96
CA PRO B 201 -15.25 -3.88 -20.88
C PRO B 201 -13.85 -4.04 -20.26
N SER B 202 -13.43 -3.13 -19.40
CA SER B 202 -12.13 -3.28 -18.79
C SER B 202 -12.18 -2.86 -17.34
N ILE B 203 -11.14 -3.20 -16.59
CA ILE B 203 -11.07 -2.81 -15.19
C ILE B 203 -9.99 -1.74 -15.09
N ASP B 204 -10.14 -0.83 -14.14
CA ASP B 204 -9.15 0.21 -13.93
C ASP B 204 -8.28 -0.21 -12.75
N PRO B 205 -6.99 -0.47 -13.02
CA PRO B 205 -6.06 -0.88 -11.95
C PRO B 205 -6.07 0.03 -10.74
N LEU B 206 -6.39 1.30 -10.94
CA LEU B 206 -6.39 2.30 -9.87
C LEU B 206 -7.73 2.54 -9.18
N SER B 207 -8.78 1.86 -9.63
CA SER B 207 -10.09 2.05 -9.03
C SER B 207 -10.20 1.36 -7.66
N GLU B 208 -11.18 1.78 -6.87
CA GLU B 208 -11.39 1.25 -5.53
C GLU B 208 -11.46 -0.27 -5.50
N LYS B 209 -12.08 -0.84 -6.53
CA LYS B 209 -12.24 -2.27 -6.63
C LYS B 209 -10.94 -3.04 -6.91
N ASN B 210 -10.04 -2.42 -7.67
CA ASN B 210 -8.80 -3.08 -8.07
C ASN B 210 -7.48 -2.60 -7.50
N VAL B 211 -7.46 -1.41 -6.90
CA VAL B 211 -6.22 -0.89 -6.33
C VAL B 211 -5.69 -1.89 -5.31
N GLU B 212 -4.36 -1.97 -5.20
CA GLU B 212 -3.73 -2.90 -4.27
C GLU B 212 -3.80 -2.37 -2.84
N LEU B 213 -4.56 -3.07 -2.00
CA LEU B 213 -4.72 -2.67 -0.61
C LEU B 213 -3.50 -3.15 0.18
N LYS B 214 -3.33 -2.63 1.39
CA LYS B 214 -2.23 -3.03 2.24
C LYS B 214 -2.72 -4.11 3.19
N GLN B 215 -1.86 -5.08 3.47
CA GLN B 215 -2.18 -6.21 4.34
C GLN B 215 -3.01 -5.84 5.58
N THR B 216 -2.60 -4.80 6.29
CA THR B 216 -3.31 -4.41 7.50
C THR B 216 -4.78 -4.10 7.24
N GLU B 217 -5.07 -3.44 6.12
CA GLU B 217 -6.47 -3.12 5.82
C GLU B 217 -7.24 -4.38 5.43
N ILE B 218 -6.63 -5.24 4.63
CA ILE B 218 -7.28 -6.48 4.23
C ILE B 218 -7.67 -7.24 5.49
N LEU B 219 -6.74 -7.31 6.44
CA LEU B 219 -7.03 -8.01 7.68
C LEU B 219 -8.11 -7.34 8.52
N ARG B 220 -8.28 -6.01 8.39
CA ARG B 220 -9.31 -5.30 9.13
C ARG B 220 -10.68 -5.64 8.53
N ILE B 221 -10.73 -5.77 7.22
CA ILE B 221 -11.98 -6.10 6.57
C ILE B 221 -12.29 -7.56 6.79
N LEU B 222 -11.25 -8.39 6.85
CA LEU B 222 -11.46 -9.81 7.05
C LEU B 222 -12.04 -10.10 8.40
N GLU B 223 -11.47 -9.49 9.44
CA GLU B 223 -11.92 -9.70 10.81
C GLU B 223 -13.32 -9.11 11.03
N ARG B 224 -13.60 -8.03 10.33
CA ARG B 224 -14.89 -7.38 10.44
C ARG B 224 -16.00 -8.31 9.97
N PHE B 225 -15.74 -9.15 8.99
CA PHE B 225 -16.79 -10.04 8.52
C PHE B 225 -16.55 -11.50 8.90
N ASP B 226 -15.88 -11.66 10.04
CA ASP B 226 -15.55 -12.97 10.59
C ASP B 226 -14.98 -13.93 9.56
N VAL B 227 -13.95 -13.49 8.85
CA VAL B 227 -13.31 -14.32 7.85
C VAL B 227 -11.91 -14.65 8.31
N ASP B 228 -11.64 -15.94 8.53
CA ASP B 228 -10.34 -16.43 8.98
C ASP B 228 -9.34 -16.52 7.83
N PRO B 229 -8.31 -15.66 7.81
CA PRO B 229 -7.30 -15.69 6.75
C PRO B 229 -6.31 -16.84 6.90
N GLU B 230 -6.31 -17.44 8.09
CA GLU B 230 -5.40 -18.56 8.37
C GLU B 230 -5.97 -19.89 7.91
N LYS B 231 -7.15 -19.87 7.31
CA LYS B 231 -7.74 -21.10 6.79
C LYS B 231 -8.00 -20.88 5.31
N PRO B 232 -8.19 -21.96 4.55
CA PRO B 232 -8.44 -21.82 3.12
C PRO B 232 -9.77 -21.14 2.77
N ILE B 233 -9.77 -20.42 1.64
CA ILE B 233 -10.94 -19.68 1.19
C ILE B 233 -11.23 -19.81 -0.31
N ILE B 234 -12.50 -20.06 -0.63
CA ILE B 234 -12.94 -20.13 -2.01
C ILE B 234 -14.02 -19.07 -2.10
N THR B 235 -14.06 -18.34 -3.21
CA THR B 235 -14.98 -17.24 -3.39
C THR B 235 -15.64 -17.12 -4.74
N GLN B 236 -16.90 -16.68 -4.73
CA GLN B 236 -17.62 -16.39 -5.96
C GLN B 236 -18.26 -15.04 -5.74
N VAL B 237 -17.88 -14.07 -6.57
CA VAL B 237 -18.44 -12.73 -6.53
C VAL B 237 -19.48 -12.63 -7.63
N SER B 238 -20.71 -12.29 -7.30
CA SER B 238 -21.75 -12.17 -8.32
C SER B 238 -23.07 -11.68 -7.79
N ARG B 239 -23.93 -11.28 -8.72
CA ARG B 239 -25.28 -10.81 -8.40
C ARG B 239 -26.03 -12.06 -7.93
N PHE B 240 -26.97 -11.88 -7.01
CA PHE B 240 -27.73 -13.01 -6.51
C PHE B 240 -28.95 -13.27 -7.38
N ASP B 241 -28.78 -14.15 -8.36
CA ASP B 241 -29.90 -14.51 -9.21
C ASP B 241 -29.78 -16.01 -9.53
N PRO B 242 -30.90 -16.63 -9.91
CA PRO B 242 -31.04 -18.06 -10.26
C PRO B 242 -30.04 -18.70 -11.22
N TRP B 243 -29.38 -17.89 -12.04
CA TRP B 243 -28.48 -18.47 -13.03
C TRP B 243 -27.00 -18.10 -12.95
N LYS B 244 -26.48 -18.03 -11.74
CA LYS B 244 -25.08 -17.67 -11.57
C LYS B 244 -24.33 -18.78 -10.89
N GLY B 245 -24.93 -19.97 -10.84
CA GLY B 245 -24.29 -21.13 -10.20
C GLY B 245 -24.13 -21.01 -8.69
N ILE B 246 -24.77 -20.02 -8.06
CA ILE B 246 -24.65 -19.84 -6.63
C ILE B 246 -24.97 -21.10 -5.83
N PHE B 247 -25.87 -21.94 -6.32
CA PHE B 247 -26.18 -23.15 -5.59
C PHE B 247 -25.18 -24.24 -5.92
N ASP B 248 -24.62 -24.20 -7.11
CA ASP B 248 -23.61 -25.17 -7.50
C ASP B 248 -22.38 -24.92 -6.63
N VAL B 249 -22.00 -23.64 -6.51
CA VAL B 249 -20.87 -23.24 -5.70
C VAL B 249 -21.04 -23.79 -4.28
N ILE B 250 -22.26 -23.69 -3.74
CA ILE B 250 -22.49 -24.20 -2.41
C ILE B 250 -22.24 -25.72 -2.36
N GLU B 251 -22.44 -26.42 -3.47
CA GLU B 251 -22.21 -27.86 -3.45
C GLU B 251 -20.73 -28.15 -3.57
N ILE B 252 -20.03 -27.34 -4.34
CA ILE B 252 -18.60 -27.52 -4.52
C ILE B 252 -17.90 -27.30 -3.18
N TYR B 253 -18.37 -26.30 -2.43
CA TYR B 253 -17.81 -25.99 -1.11
C TYR B 253 -18.05 -27.14 -0.14
N ARG B 254 -19.19 -27.81 -0.29
CA ARG B 254 -19.52 -28.91 0.60
C ARG B 254 -18.75 -30.20 0.33
N LYS B 255 -18.55 -30.52 -0.95
CA LYS B 255 -17.82 -31.73 -1.32
C LYS B 255 -16.34 -31.50 -1.02
N VAL B 256 -15.88 -30.27 -1.27
CA VAL B 256 -14.49 -29.91 -1.01
C VAL B 256 -14.25 -30.05 0.48
N LYS B 257 -15.20 -29.51 1.25
CA LYS B 257 -15.16 -29.49 2.71
C LYS B 257 -15.07 -30.85 3.40
N GLU B 258 -15.33 -31.93 2.67
CA GLU B 258 -15.24 -33.25 3.27
C GLU B 258 -13.77 -33.60 3.49
N LYS B 259 -12.93 -33.23 2.54
CA LYS B 259 -11.50 -33.50 2.63
C LYS B 259 -10.72 -32.35 3.28
N ILE B 260 -11.30 -31.15 3.23
CA ILE B 260 -10.68 -29.94 3.80
C ILE B 260 -11.69 -29.26 4.73
N PRO B 261 -11.98 -29.89 5.88
CA PRO B 261 -12.92 -29.41 6.88
C PRO B 261 -12.77 -27.97 7.37
N GLY B 262 -11.71 -27.29 6.96
CA GLY B 262 -11.53 -25.92 7.38
C GLY B 262 -11.87 -24.93 6.28
N VAL B 263 -12.18 -25.43 5.08
CA VAL B 263 -12.49 -24.54 3.97
C VAL B 263 -13.65 -23.58 4.28
N GLN B 264 -13.56 -22.38 3.73
CA GLN B 264 -14.60 -21.35 3.91
C GLN B 264 -15.08 -20.92 2.53
N LEU B 265 -16.35 -20.53 2.45
CA LEU B 265 -16.93 -20.08 1.19
C LEU B 265 -17.41 -18.63 1.34
N LEU B 266 -17.07 -17.79 0.37
CA LEU B 266 -17.49 -16.40 0.40
C LEU B 266 -18.36 -16.11 -0.82
N LEU B 267 -19.64 -15.87 -0.57
CA LEU B 267 -20.59 -15.54 -1.63
C LEU B 267 -20.69 -14.03 -1.48
N VAL B 268 -20.07 -13.32 -2.41
CA VAL B 268 -20.02 -11.87 -2.36
C VAL B 268 -20.90 -11.24 -3.40
N GLY B 269 -21.65 -10.21 -3.01
CA GLY B 269 -22.51 -9.56 -3.97
C GLY B 269 -23.08 -8.20 -3.63
N VAL B 270 -22.89 -7.23 -4.52
CA VAL B 270 -23.40 -5.89 -4.33
C VAL B 270 -24.60 -5.72 -5.26
N MET B 271 -25.76 -5.42 -4.69
CA MET B 271 -26.96 -5.24 -5.50
C MET B 271 -27.75 -4.00 -5.11
N ALA B 272 -28.45 -3.41 -6.07
CA ALA B 272 -29.26 -2.23 -5.80
C ALA B 272 -30.48 -2.64 -4.97
N HIS B 273 -30.98 -1.72 -4.15
CA HIS B 273 -32.12 -2.02 -3.30
C HIS B 273 -33.44 -2.10 -4.05
N ASP B 274 -33.42 -1.73 -5.33
CA ASP B 274 -34.63 -1.81 -6.14
C ASP B 274 -34.50 -2.99 -7.09
N ASP B 275 -33.85 -4.05 -6.61
CA ASP B 275 -33.63 -5.27 -7.38
C ASP B 275 -34.24 -6.41 -6.55
N PRO B 276 -35.57 -6.35 -6.29
CA PRO B 276 -36.31 -7.35 -5.52
C PRO B 276 -35.94 -8.78 -5.87
N GLU B 277 -35.80 -9.05 -7.17
CA GLU B 277 -35.43 -10.36 -7.67
C GLU B 277 -34.19 -10.84 -6.92
N GLY B 278 -33.14 -10.04 -6.96
CA GLY B 278 -31.89 -10.38 -6.32
C GLY B 278 -31.91 -10.57 -4.80
N TRP B 279 -32.76 -9.83 -4.11
CA TRP B 279 -32.81 -9.96 -2.66
C TRP B 279 -33.57 -11.20 -2.27
N ILE B 280 -34.49 -11.61 -3.13
CA ILE B 280 -35.25 -12.82 -2.88
C ILE B 280 -34.29 -13.99 -3.02
N TYR B 281 -33.55 -14.03 -4.13
CA TYR B 281 -32.61 -15.13 -4.32
C TYR B 281 -31.57 -15.14 -3.21
N PHE B 282 -31.22 -13.96 -2.72
CA PHE B 282 -30.27 -13.78 -1.62
C PHE B 282 -30.84 -14.55 -0.42
N GLU B 283 -32.04 -14.16 0.00
CA GLU B 283 -32.72 -14.79 1.14
C GLU B 283 -32.74 -16.31 0.99
N LYS B 284 -33.05 -16.77 -0.22
CA LYS B 284 -33.11 -18.20 -0.50
C LYS B 284 -31.76 -18.88 -0.25
N THR B 285 -30.68 -18.18 -0.56
CA THR B 285 -29.34 -18.72 -0.37
C THR B 285 -29.07 -18.92 1.11
N LEU B 286 -29.39 -17.92 1.92
CA LEU B 286 -29.18 -18.02 3.36
C LEU B 286 -29.96 -19.21 3.93
N ARG B 287 -31.18 -19.40 3.45
CA ARG B 287 -32.03 -20.49 3.92
C ARG B 287 -31.42 -21.83 3.53
N LYS B 288 -30.77 -21.87 2.38
CA LYS B 288 -30.14 -23.10 1.90
C LYS B 288 -28.87 -23.43 2.67
N ILE B 289 -28.04 -22.42 2.91
CA ILE B 289 -26.79 -22.60 3.66
C ILE B 289 -27.07 -23.05 5.10
N GLY B 290 -28.16 -22.56 5.67
CA GLY B 290 -28.47 -22.90 7.03
C GLY B 290 -27.51 -22.26 8.03
N GLU B 291 -27.35 -22.91 9.17
CA GLU B 291 -26.49 -22.37 10.21
C GLU B 291 -25.03 -22.74 10.09
N ASP B 292 -24.57 -22.93 8.85
CA ASP B 292 -23.18 -23.22 8.61
C ASP B 292 -22.46 -21.87 8.36
N TYR B 293 -21.89 -21.32 9.42
CA TYR B 293 -21.21 -20.03 9.30
C TYR B 293 -19.81 -20.04 8.69
N ASP B 294 -19.45 -21.11 8.00
CA ASP B 294 -18.15 -21.17 7.33
C ASP B 294 -18.45 -20.64 5.95
N VAL B 295 -19.73 -20.39 5.72
CA VAL B 295 -20.18 -19.81 4.46
C VAL B 295 -20.46 -18.35 4.83
N LYS B 296 -19.87 -17.43 4.09
CA LYS B 296 -20.03 -16.01 4.35
C LYS B 296 -20.81 -15.36 3.22
N VAL B 297 -22.00 -14.88 3.52
CA VAL B 297 -22.80 -14.20 2.51
C VAL B 297 -22.45 -12.74 2.78
N LEU B 298 -21.71 -12.13 1.87
CA LEU B 298 -21.28 -10.75 2.04
C LEU B 298 -21.88 -9.83 0.98
N THR B 299 -22.75 -8.93 1.41
CA THR B 299 -23.40 -8.02 0.48
C THR B 299 -23.45 -6.59 1.02
N ASN B 300 -23.81 -5.64 0.16
CA ASN B 300 -23.88 -4.24 0.55
C ASN B 300 -24.98 -3.93 1.55
N LEU B 301 -25.80 -4.92 1.85
CA LEU B 301 -26.88 -4.76 2.81
C LEU B 301 -26.25 -4.73 4.20
N ILE B 302 -25.11 -5.39 4.32
CA ILE B 302 -24.36 -5.50 5.58
C ILE B 302 -23.12 -4.60 5.64
N GLY B 303 -22.94 -3.75 4.63
CA GLY B 303 -21.79 -2.85 4.62
C GLY B 303 -20.64 -3.18 3.68
N VAL B 304 -20.90 -4.06 2.71
CA VAL B 304 -19.86 -4.45 1.77
C VAL B 304 -19.93 -3.58 0.51
N HIS B 305 -18.79 -3.03 0.13
CA HIS B 305 -18.68 -2.20 -1.04
C HIS B 305 -17.43 -2.53 -1.81
N ALA B 306 -17.16 -1.75 -2.86
CA ALA B 306 -16.00 -1.94 -3.71
C ALA B 306 -14.72 -2.32 -2.97
N ARG B 307 -14.40 -1.57 -1.92
CA ARG B 307 -13.17 -1.83 -1.18
C ARG B 307 -13.18 -3.14 -0.41
N GLU B 308 -14.36 -3.55 0.08
CA GLU B 308 -14.45 -4.81 0.82
C GLU B 308 -14.37 -5.96 -0.18
N VAL B 309 -15.00 -5.78 -1.34
CA VAL B 309 -14.96 -6.80 -2.39
C VAL B 309 -13.48 -7.03 -2.75
N ASN B 310 -12.75 -5.93 -2.92
CA ASN B 310 -11.31 -5.96 -3.22
C ASN B 310 -10.61 -6.94 -2.25
N ALA B 311 -10.79 -6.66 -0.96
CA ALA B 311 -10.21 -7.47 0.12
C ALA B 311 -10.59 -8.96 -0.02
N PHE B 312 -11.89 -9.24 -0.05
CA PHE B 312 -12.39 -10.60 -0.19
C PHE B 312 -11.76 -11.35 -1.35
N GLN B 313 -11.52 -10.67 -2.46
CA GLN B 313 -10.91 -11.32 -3.61
C GLN B 313 -9.43 -11.57 -3.33
N ARG B 314 -8.74 -10.59 -2.78
CA ARG B 314 -7.33 -10.77 -2.48
C ARG B 314 -7.09 -11.91 -1.51
N ALA B 315 -7.97 -12.04 -0.52
CA ALA B 315 -7.81 -13.09 0.48
C ALA B 315 -8.26 -14.49 -0.01
N SER B 316 -8.72 -14.57 -1.26
CA SER B 316 -9.19 -15.86 -1.79
C SER B 316 -8.07 -16.76 -2.35
N ASP B 317 -8.19 -18.07 -2.14
CA ASP B 317 -7.22 -19.03 -2.65
C ASP B 317 -7.63 -19.44 -4.07
N VAL B 318 -8.94 -19.54 -4.26
CA VAL B 318 -9.52 -19.88 -5.55
C VAL B 318 -10.79 -19.07 -5.69
N ILE B 319 -11.11 -18.67 -6.92
CA ILE B 319 -12.32 -17.91 -7.14
C ILE B 319 -13.10 -18.67 -8.20
N LEU B 320 -14.42 -18.73 -8.03
CA LEU B 320 -15.28 -19.46 -8.98
C LEU B 320 -16.27 -18.57 -9.70
N GLN B 321 -16.85 -19.08 -10.78
CA GLN B 321 -17.84 -18.34 -11.54
C GLN B 321 -18.64 -19.35 -12.33
N MET B 322 -19.48 -20.11 -11.64
CA MET B 322 -20.29 -21.13 -12.29
C MET B 322 -21.53 -20.57 -12.96
N SER B 323 -21.41 -19.41 -13.58
CA SER B 323 -22.56 -18.80 -14.27
C SER B 323 -23.07 -19.73 -15.35
N ILE B 324 -24.39 -19.81 -15.47
CA ILE B 324 -25.01 -20.65 -16.48
C ILE B 324 -25.30 -19.69 -17.63
N ARG B 325 -25.68 -18.47 -17.29
CA ARG B 325 -25.95 -17.44 -18.27
C ARG B 325 -25.12 -16.23 -17.82
N ALA B 326 -24.22 -15.76 -18.69
CA ALA B 326 -23.36 -14.64 -18.31
C ALA B 326 -23.05 -13.60 -19.37
N GLY B 327 -22.74 -12.40 -18.90
CA GLY B 327 -22.37 -11.32 -19.79
C GLY B 327 -20.87 -11.47 -19.98
N PHE B 328 -20.12 -10.37 -19.87
CA PHE B 328 -18.67 -10.44 -20.07
C PHE B 328 -17.92 -11.01 -18.87
N GLY B 329 -18.43 -10.75 -17.66
CA GLY B 329 -17.81 -11.25 -16.45
C GLY B 329 -16.64 -10.46 -15.92
N LEU B 330 -16.81 -9.15 -15.72
CA LEU B 330 -15.74 -8.31 -15.20
C LEU B 330 -15.24 -8.86 -13.88
N THR B 331 -16.06 -9.66 -13.20
CA THR B 331 -15.65 -10.24 -11.94
C THR B 331 -14.48 -11.20 -12.14
N VAL B 332 -14.53 -11.99 -13.22
CA VAL B 332 -13.44 -12.91 -13.52
C VAL B 332 -12.19 -12.06 -13.83
N THR B 333 -12.41 -10.93 -14.49
CA THR B 333 -11.31 -10.02 -14.84
C THR B 333 -10.61 -9.49 -13.59
N GLU B 334 -11.39 -9.06 -12.61
CA GLU B 334 -10.82 -8.51 -11.38
C GLU B 334 -10.04 -9.58 -10.63
N ALA B 335 -10.58 -10.79 -10.56
CA ALA B 335 -9.91 -11.88 -9.88
C ALA B 335 -8.58 -12.16 -10.59
N MET B 336 -8.65 -12.37 -11.89
CA MET B 336 -7.46 -12.64 -12.68
C MET B 336 -6.40 -11.59 -12.46
N TRP B 337 -6.82 -10.32 -12.40
CA TRP B 337 -5.88 -9.23 -12.20
C TRP B 337 -5.24 -9.29 -10.81
N LYS B 338 -5.93 -9.90 -9.85
CA LYS B 338 -5.37 -10.00 -8.50
C LYS B 338 -4.52 -11.25 -8.33
N GLY B 339 -4.18 -11.90 -9.43
CA GLY B 339 -3.33 -13.09 -9.38
C GLY B 339 -4.00 -14.38 -8.96
N LYS B 340 -5.32 -14.43 -9.08
CA LYS B 340 -6.07 -15.60 -8.70
C LYS B 340 -6.50 -16.48 -9.85
N PRO B 341 -6.44 -17.81 -9.66
CA PRO B 341 -6.85 -18.77 -10.70
C PRO B 341 -8.38 -18.85 -10.57
N VAL B 342 -9.07 -18.78 -11.69
CA VAL B 342 -10.53 -18.83 -11.71
C VAL B 342 -11.03 -20.15 -12.26
N ILE B 343 -12.14 -20.64 -11.71
CA ILE B 343 -12.76 -21.88 -12.16
C ILE B 343 -14.18 -21.48 -12.51
N GLY B 344 -14.57 -21.63 -13.78
CA GLY B 344 -15.92 -21.25 -14.16
C GLY B 344 -16.49 -21.96 -15.38
N ARG B 345 -17.79 -21.82 -15.59
CA ARG B 345 -18.40 -22.45 -16.75
C ARG B 345 -17.95 -21.67 -17.98
N ALA B 346 -18.05 -22.30 -19.15
CA ALA B 346 -17.64 -21.65 -20.39
C ALA B 346 -18.79 -20.90 -21.03
N VAL B 347 -19.07 -19.70 -20.53
CA VAL B 347 -20.18 -18.89 -21.05
C VAL B 347 -19.83 -17.40 -21.09
N GLY B 348 -20.51 -16.67 -21.97
CA GLY B 348 -20.25 -15.25 -22.08
C GLY B 348 -18.78 -14.89 -22.04
N GLY B 349 -18.44 -13.79 -21.38
CA GLY B 349 -17.07 -13.37 -21.32
C GLY B 349 -16.16 -14.27 -20.49
N ILE B 350 -16.73 -15.29 -19.86
CA ILE B 350 -15.95 -16.19 -19.02
C ILE B 350 -15.14 -17.20 -19.83
N LYS B 351 -15.63 -17.57 -21.02
CA LYS B 351 -14.94 -18.53 -21.87
C LYS B 351 -13.84 -17.83 -22.67
N PHE B 352 -14.01 -16.53 -22.85
CA PHE B 352 -13.05 -15.70 -23.57
C PHE B 352 -11.86 -15.34 -22.67
N GLN B 353 -12.13 -14.91 -21.43
CA GLN B 353 -11.07 -14.51 -20.53
C GLN B 353 -10.23 -15.63 -19.97
N ILE B 354 -10.86 -16.76 -19.67
CA ILE B 354 -10.11 -17.88 -19.13
C ILE B 354 -9.46 -18.71 -20.22
N VAL B 355 -8.15 -18.93 -20.11
CA VAL B 355 -7.44 -19.75 -21.07
C VAL B 355 -7.31 -21.04 -20.28
N ASP B 356 -8.23 -21.97 -20.52
CA ASP B 356 -8.24 -23.22 -19.76
C ASP B 356 -6.92 -23.93 -19.62
N GLY B 357 -6.59 -24.26 -18.37
CA GLY B 357 -5.35 -24.95 -18.08
C GLY B 357 -4.17 -24.02 -18.01
N GLU B 358 -4.35 -22.76 -18.37
CA GLU B 358 -3.25 -21.79 -18.32
C GLU B 358 -3.44 -20.68 -17.31
N THR B 359 -4.57 -19.97 -17.40
CA THR B 359 -4.84 -18.87 -16.47
C THR B 359 -5.86 -19.30 -15.42
N GLY B 360 -6.70 -20.26 -15.79
CA GLY B 360 -7.72 -20.77 -14.89
C GLY B 360 -8.25 -22.05 -15.49
N PHE B 361 -9.47 -22.44 -15.13
CA PHE B 361 -10.07 -23.65 -15.70
C PHE B 361 -11.51 -23.44 -16.12
N LEU B 362 -11.88 -24.04 -17.24
CA LEU B 362 -13.25 -24.00 -17.73
C LEU B 362 -13.81 -25.41 -17.46
N VAL B 363 -14.80 -25.52 -16.59
CA VAL B 363 -15.39 -26.82 -16.25
C VAL B 363 -16.85 -26.89 -16.68
N ARG B 364 -17.43 -28.09 -16.66
CA ARG B 364 -18.80 -28.24 -17.09
C ARG B 364 -19.82 -28.47 -15.98
N ASP B 365 -19.35 -28.80 -14.78
CA ASP B 365 -20.27 -29.02 -13.68
C ASP B 365 -19.57 -28.87 -12.32
N ALA B 366 -20.29 -29.16 -11.26
CA ALA B 366 -19.76 -29.03 -9.91
C ALA B 366 -18.72 -30.09 -9.56
N ASN B 367 -18.89 -31.31 -10.05
CA ASN B 367 -17.90 -32.33 -9.73
C ASN B 367 -16.56 -32.05 -10.38
N GLU B 368 -16.58 -31.49 -11.58
CA GLU B 368 -15.35 -31.13 -12.29
C GLU B 368 -14.75 -29.93 -11.53
N ALA B 369 -15.62 -29.08 -11.00
CA ALA B 369 -15.20 -27.90 -10.24
C ALA B 369 -14.50 -28.32 -8.97
N VAL B 370 -15.06 -29.30 -8.28
CA VAL B 370 -14.48 -29.79 -7.04
C VAL B 370 -13.06 -30.34 -7.23
N GLU B 371 -12.86 -31.07 -8.33
CA GLU B 371 -11.57 -31.64 -8.63
C GLU B 371 -10.49 -30.57 -8.75
N VAL B 372 -10.75 -29.57 -9.59
CA VAL B 372 -9.80 -28.49 -9.80
C VAL B 372 -9.56 -27.63 -8.57
N VAL B 373 -10.57 -27.47 -7.70
CA VAL B 373 -10.38 -26.66 -6.50
C VAL B 373 -9.42 -27.38 -5.57
N LEU B 374 -9.60 -28.70 -5.45
CA LEU B 374 -8.72 -29.51 -4.60
C LEU B 374 -7.34 -29.50 -5.22
N TYR B 375 -7.26 -29.68 -6.53
CA TYR B 375 -5.96 -29.68 -7.21
C TYR B 375 -5.24 -28.38 -6.87
N LEU B 376 -5.83 -27.25 -7.28
CA LEU B 376 -5.23 -25.95 -7.01
C LEU B 376 -4.83 -25.79 -5.54
N LEU B 377 -5.79 -25.95 -4.63
CA LEU B 377 -5.50 -25.80 -3.20
C LEU B 377 -4.37 -26.74 -2.81
N LYS B 378 -4.28 -27.88 -3.47
CA LYS B 378 -3.25 -28.88 -3.17
C LYS B 378 -1.88 -28.43 -3.68
N HIS B 379 -1.90 -27.81 -4.86
CA HIS B 379 -0.67 -27.34 -5.51
C HIS B 379 -0.58 -25.82 -5.61
N PRO B 380 -0.31 -25.14 -4.49
CA PRO B 380 -0.21 -23.69 -4.48
C PRO B 380 0.78 -23.08 -5.49
N GLU B 381 1.76 -23.87 -5.95
CA GLU B 381 2.72 -23.37 -6.93
C GLU B 381 2.04 -23.32 -8.31
N VAL B 382 1.28 -24.37 -8.63
CA VAL B 382 0.56 -24.40 -9.90
C VAL B 382 -0.40 -23.23 -9.85
N SER B 383 -0.99 -23.01 -8.68
CA SER B 383 -1.94 -21.92 -8.50
C SER B 383 -1.27 -20.56 -8.64
N LYS B 384 -0.04 -20.45 -8.14
CA LYS B 384 0.69 -19.20 -8.25
C LYS B 384 0.95 -18.95 -9.71
N GLU B 385 1.29 -20.03 -10.43
CA GLU B 385 1.56 -19.92 -11.85
C GLU B 385 0.33 -19.47 -12.66
N MET B 386 -0.77 -20.17 -12.48
CA MET B 386 -1.99 -19.82 -13.19
C MET B 386 -2.39 -18.37 -12.89
N GLY B 387 -2.22 -17.95 -11.64
CA GLY B 387 -2.55 -16.58 -11.28
C GLY B 387 -1.70 -15.56 -12.00
N ALA B 388 -0.38 -15.77 -11.97
CA ALA B 388 0.58 -14.88 -12.61
C ALA B 388 0.27 -14.68 -14.10
N LYS B 389 -0.02 -15.77 -14.80
CA LYS B 389 -0.34 -15.68 -16.21
C LYS B 389 -1.71 -15.04 -16.46
N ALA B 390 -2.63 -15.18 -15.53
CA ALA B 390 -3.95 -14.59 -15.71
C ALA B 390 -3.84 -13.10 -15.47
N LYS B 391 -2.89 -12.69 -14.63
CA LYS B 391 -2.75 -11.27 -14.38
C LYS B 391 -2.24 -10.62 -15.66
N GLU B 392 -1.23 -11.24 -16.28
CA GLU B 392 -0.66 -10.73 -17.52
C GLU B 392 -1.69 -10.56 -18.63
N ARG B 393 -2.55 -11.57 -18.78
CA ARG B 393 -3.57 -11.54 -19.80
C ARG B 393 -4.40 -10.29 -19.62
N VAL B 394 -4.70 -9.96 -18.36
CA VAL B 394 -5.48 -8.77 -18.06
C VAL B 394 -4.68 -7.51 -18.39
N ARG B 395 -3.44 -7.47 -17.91
CA ARG B 395 -2.55 -6.34 -18.14
C ARG B 395 -2.36 -6.06 -19.62
N LYS B 396 -2.27 -7.11 -20.43
CA LYS B 396 -2.06 -6.91 -21.86
C LYS B 396 -3.33 -6.91 -22.69
N ASN B 397 -4.50 -7.08 -22.05
CA ASN B 397 -5.75 -7.14 -22.81
C ASN B 397 -6.97 -6.42 -22.30
N PHE B 398 -7.12 -6.33 -20.97
CA PHE B 398 -8.33 -5.73 -20.39
C PHE B 398 -8.13 -4.62 -19.37
N ILE B 399 -7.10 -3.81 -19.56
CA ILE B 399 -6.81 -2.69 -18.66
C ILE B 399 -7.48 -1.47 -19.27
N ILE B 400 -7.79 -0.47 -18.45
CA ILE B 400 -8.44 0.73 -18.98
C ILE B 400 -7.56 1.45 -20.01
N THR B 401 -6.24 1.29 -19.90
CA THR B 401 -5.33 1.95 -20.84
C THR B 401 -5.38 1.28 -22.22
N LYS B 402 -5.59 -0.03 -22.22
CA LYS B 402 -5.70 -0.80 -23.44
C LYS B 402 -7.07 -0.50 -24.02
N HIS B 403 -8.04 -0.29 -23.13
CA HIS B 403 -9.41 0.02 -23.52
C HIS B 403 -9.37 1.33 -24.30
N MET B 404 -8.55 2.27 -23.81
CA MET B 404 -8.39 3.56 -24.47
C MET B 404 -7.66 3.36 -25.79
N GLU B 405 -6.58 2.59 -25.76
CA GLU B 405 -5.82 2.33 -26.97
C GLU B 405 -6.74 1.81 -28.06
N ARG B 406 -7.77 1.05 -27.66
CA ARG B 406 -8.72 0.52 -28.63
C ARG B 406 -9.52 1.64 -29.26
N TYR B 407 -9.90 2.63 -28.44
CA TYR B 407 -10.66 3.75 -28.95
C TYR B 407 -9.82 4.51 -29.99
N LEU B 408 -8.51 4.54 -29.76
CA LEU B 408 -7.63 5.21 -30.70
C LEU B 408 -7.71 4.45 -32.01
N ASP B 409 -7.39 3.16 -31.94
CA ASP B 409 -7.41 2.30 -33.13
C ASP B 409 -8.69 2.47 -33.95
N ILE B 410 -9.79 2.80 -33.28
CA ILE B 410 -11.08 2.98 -33.94
C ILE B 410 -11.22 4.34 -34.60
N LEU B 411 -10.75 5.39 -33.95
CA LEU B 411 -10.86 6.73 -34.51
C LEU B 411 -9.88 6.90 -35.69
N ASN B 412 -8.73 6.23 -35.60
CA ASN B 412 -7.74 6.28 -36.67
C ASN B 412 -8.29 5.41 -37.79
N SER B 413 -9.29 4.60 -37.43
CA SER B 413 -9.96 3.70 -38.34
C SER B 413 -10.90 4.46 -39.26
N LEU B 414 -11.30 5.66 -38.85
CA LEU B 414 -12.20 6.46 -39.65
C LEU B 414 -11.42 7.48 -40.49
N GLY B 415 -12.03 8.12 -41.38
N1 UPG C . 19.70 -0.59 10.51
C2 UPG C . 19.60 -1.07 9.20
N3 UPG C . 20.36 -2.13 8.82
C4 UPG C . 21.23 -2.73 9.69
C5 UPG C . 21.35 -2.26 11.04
C6 UPG C . 20.58 -1.20 11.41
O2 UPG C . 18.83 -0.56 8.39
O4 UPG C . 21.91 -3.68 9.33
C1C UPG C . 18.88 0.58 10.96
C2C UPG C . 17.38 0.23 11.23
O2C UPG C . 16.53 1.02 10.40
C3C UPG C . 17.14 0.51 12.74
C4C UPG C . 18.45 1.08 13.28
O4C UPG C . 19.42 1.16 12.20
O3C UPG C . 16.10 1.48 12.91
C5C UPG C . 18.97 0.18 14.41
O5C UPG C . 20.21 0.71 14.92
PA UPG C . 20.83 -0.22 16.14
O1A UPG C . 19.59 0.14 16.89
O2A UPG C . 20.92 -1.38 15.02
O3A UPG C . 22.00 0.90 16.12
PB UPG C . 23.12 0.55 17.22
O1B UPG C . 23.77 -0.75 16.92
O2B UPG C . 22.39 0.54 18.65
O3B UPG C . 24.22 1.75 17.11
C1' UPG C . 25.41 1.67 17.97
C2' UPG C . 25.15 1.77 19.51
C3' UPG C . 24.42 3.10 19.79
C4' UPG C . 25.32 4.24 19.31
C5' UPG C . 25.60 4.07 17.79
C6' UPG C . 26.51 5.20 17.31
O2' UPG C . 24.35 0.68 19.95
O3' UPG C . 24.16 3.23 21.19
O4' UPG C . 24.66 5.48 19.54
O5' UPG C . 26.26 2.78 17.56
O6' UPG C . 26.76 5.06 15.92
N1 UPG D . -20.03 -6.65 -8.56
C2 UPG D . -20.02 -6.39 -7.20
N3 UPG D . -20.86 -7.09 -6.39
C4 UPG D . -21.72 -8.03 -6.89
C5 UPG D . -21.74 -8.30 -8.30
C6 UPG D . -20.90 -7.60 -9.09
O2 UPG D . -19.27 -5.55 -6.71
O4 UPG D . -22.47 -8.65 -6.17
C1C UPG D . -19.14 -5.91 -9.50
C2C UPG D . -17.68 -6.43 -9.49
O2C UPG D . -16.84 -5.74 -8.56
C3C UPG D . -17.22 -6.33 -10.97
C4C UPG D . -18.53 -6.17 -11.75
O4C UPG D . -19.63 -6.08 -10.84
O3C UPG D . -16.43 -5.15 -11.15
C5C UPG D . -18.72 -7.40 -12.64
O5C UPG D . -19.97 -7.28 -13.34
PA UPG D . -20.32 -8.54 -14.34
O1A UPG D . -19.14 -8.15 -15.12
O2A UPG D . -20.25 -9.46 -13.01
O3A UPG D . -21.62 -7.62 -14.51
PB UPG D . -22.64 -8.25 -15.53
O1B UPG D . -22.20 -7.02 -16.25
O2B UPG D . -23.46 -8.46 -14.14
O3B UPG D . -24.06 -7.61 -15.97
C1' UPG D . -24.76 -8.43 -16.94
C2' UPG D . -24.40 -7.95 -18.38
C3' UPG D . -24.74 -6.45 -18.45
C4' UPG D . -26.26 -6.27 -18.17
C5' UPG D . -26.56 -6.83 -16.75
C6' UPG D . -28.05 -6.67 -16.45
O2' UPG D . -23.01 -8.12 -18.64
O3' UPG D . -24.43 -5.95 -19.76
O4' UPG D . -26.59 -4.87 -18.22
O5' UPG D . -26.19 -8.26 -16.69
O6' UPG D . -28.34 -7.17 -15.15
#